data_9DBN
#
_entry.id   9DBN
#
_cell.length_a   1.00
_cell.length_b   1.00
_cell.length_c   1.00
_cell.angle_alpha   90.00
_cell.angle_beta   90.00
_cell.angle_gamma   90.00
#
_symmetry.space_group_name_H-M   'P 1'
#
loop_
_entity.id
_entity.type
_entity.pdbx_description
1 polymer 'Sodium channel protein type 10 subunit alpha'
2 polymer Beta/omega-theraphotoxin-Tp1a
3 branched beta-D-mannopyranose-(1-4)-2-acetamido-2-deoxy-beta-D-glucopyranose-(1-4)-2-acetamido-2-deoxy-beta-D-glucopyranose
4 non-polymer CHOLESTEROL
5 non-polymer 1,2-DIOLEOYL-SN-GLYCERO-3-PHOSPHOCHOLINE
6 non-polymer 1-O-OCTADECYL-SN-GLYCERO-3-PHOSPHOCHOLINE
7 non-polymer O-[(R)-{[(2R)-2,3-bis(octadecanoyloxy)propyl]oxy}(hydroxy)phosphoryl]-L-serine
#
loop_
_entity_poly.entity_id
_entity_poly.type
_entity_poly.pdbx_seq_one_letter_code
_entity_poly.pdbx_strand_id
1 'polypeptide(L)'
;DYKDDDDKSAWSHPQFEKGGGSGGGSGGSAWSHPQFEKENLYFQSMEFPIGSLETNNFRRFTPESLVEIEKQIAAKQGTK
KAREKHREQKDQEEKPRPQLDLKACNQLPKFYGELPAELIGEPLEDLDPFYSTHRTFMVLNKGRTISRFSATRALWLFSP
FNLIRRTAIKVSVHSWFSLFITVTILVNCVCMTRTDLPEKIEYVFTVIYTFEALIKILARGFCLNEFTYLRDPWNWLDFS
VITLAYVGTAIDLRGISGLRTFRVLRALKTVSVIPGLKVIVGALIHSVKKLADVTILTIFCLSVFALVGLQLFKGNLKNK
CVKNDMAVNETTNYSSHRKPDIYINKRGTSDPLLCGNGSDSGHCPDGYICLKTSDNPDFNYTSFDSFAWAFLSLFRLMTQ
DSWERLYQQTLRTSGKIYMIFFVLVIFLGSFYLVNLILAVVTMAYEEQNQATTDEIEAKEKKFQEALEMLRKEQEVLAAL
GIDTTSLHSHNGSPLTSKNASERRHRIKPRVSEGSTEDNKSPRSDPYNQRRMSFLGLASGKRRASHGSVFHFRSPGRDIS
LPEGVTDDGVFPGDHESHRGSLLLGGGAGQQGPLPRSPLPQPSNPDSRHGEDEHQPPPTSELAPGAVDVSAFDAGQKKTF
LSAEYLDEPFRAQRAMSVVSIITSVLEELEESEQKCPPCLTSLSQKYLIWDCCPMWVKLKTILFGLVTDPFAELTITLCI
VVNTIFMAMEHHGMSPTFEAMLQIGNIVFTIFFTAEMVFKIIAFDPYYYFQKKWNIFDCIIVTVSLLELGVAKKGSLSVL
RSFRLLRVFKLAKSWPTLNTLIKIIGNSVGALGNLTIILAIIVFVFALVGKQLLGENYRNNRKNISAPHEDWPRWHMHDF
FHSFLIVFRILCGEWIENMWACMEVGQKSICLILFLTVMVLGNLVVLNLFIALLLNSFSADNLTAPEDDGEVNNLQVALA
RIQVFGHRTKQALCSFFSRSCPFPQPKAEPELVVKLPLSSSKAENHIAANTARGSSGGLQAPRGPRDEHSDFIANPTVWV
SVPIAEGESDLDDLEDDGGEDAQSFQQEVIPKGQQEQLQQVERCGDHLTPRSPGTGTSSEDLAPSLGETWKDESVPQVPA
EGVDDTSSSEGSTVDCLDPEEILRKIPELADDLEEPDDCFTEGCIRHCPCCKLDTTKSPWDVGWQVRKTCYRIVEHSWFE
SFIIFMILLSSGSLAFEDYYLDQKPTVKALLEYTDRVFTFIFVFEMLLKWVAYGFKKYFTNAWCWLDFLIVNISLISLTA
KILEYSEVAPIKALRTLRALRPLRALSRFEGMRVVVDALVGAIPSIMNVLLVCLIFWLIFSIMGVNLFAGKFWRCINYTD
GEFSLVPLSIVNNKSDCKIQNSTGSFFWVNVKVNFDNVAMGYLALLQVATFKGWMDIMYAAVDSREVNMQPKWEDNVYMY
LYFVIFIIFGGFFTLNLFVGVIIDNFNQQKKKLGGQDIFMTEEQKKYYNAMKKLGSKKPQKPIPRPLNKFQGFVFDIVTR
QAFDITIMVLICLNMITMMVETDDQSEEKTKILGKINQFFVAVFTGECVMKMFALRQYYFTNGWNVFDFIVVVLSIASLI
FSAILKSLQSYFSPTLFRVIRLARIGRILRLIRAAKGIRTLLFALMMSLPALFNIGLLLFLVMFIYSIFGMSSFPHVRWE
AGIDDMFNFQTFANSMLCLFQITTSAGWDGLLSPILNTGPPYCDPNLPNSNGTRGDCGSPAVGIIFFTTYIIISFLIVVN
MYIAVILENFNVATEESTEPLSEDDFDMFYETWEKFDPEATQFITFSALSDFADTLSGPLRIPKPNRNILIQMDLPLVPG
DKIHCLDILFAFTKNVLGESGELDSLKANMEEKFMATNLSKSSYEPIATTLRWKQEDISATVIQKAYRSYVLHRSMALSN
TPCVPRAEEEAASLPDEGFVAFTANENCVLPDKSETASATSFPPSYESVTRGLSDRVNMRTSSSIQNEDEATSMELIAPG
P
;
A
2 'polypeptide(L)' ECRYWLGGCSAGQTCCKHLVCSRRHGWCVWDGTFS B
#
# COMPACT_ATOMS: atom_id res chain seq x y z
N LEU A 277 -29.46 28.92 -14.49
CA LEU A 277 -29.21 27.53 -14.14
C LEU A 277 -28.55 26.79 -15.32
N LYS A 278 -28.63 27.39 -16.50
CA LYS A 278 -27.97 26.80 -17.66
C LYS A 278 -26.45 26.76 -17.47
N VAL A 279 -25.89 27.76 -16.78
CA VAL A 279 -24.45 27.79 -16.54
C VAL A 279 -24.03 26.61 -15.68
N ILE A 280 -24.75 26.36 -14.58
CA ILE A 280 -24.39 25.24 -13.71
C ILE A 280 -24.70 23.92 -14.39
N VAL A 281 -25.73 23.86 -15.23
CA VAL A 281 -26.00 22.64 -15.99
C VAL A 281 -24.84 22.34 -16.93
N GLY A 282 -24.35 23.36 -17.62
CA GLY A 282 -23.19 23.18 -18.49
C GLY A 282 -21.95 22.78 -17.72
N ALA A 283 -21.75 23.38 -16.54
CA ALA A 283 -20.62 22.99 -15.70
C ALA A 283 -20.72 21.52 -15.30
N LEU A 284 -21.92 21.08 -14.90
CA LEU A 284 -22.10 19.69 -14.51
C LEU A 284 -21.87 18.73 -15.68
N ILE A 285 -22.40 19.08 -16.86
CA ILE A 285 -22.24 18.18 -18.00
C ILE A 285 -20.78 18.13 -18.45
N HIS A 286 -20.06 19.25 -18.36
CA HIS A 286 -18.64 19.21 -18.67
C HIS A 286 -17.87 18.39 -17.63
N SER A 287 -18.21 18.54 -16.36
CA SER A 287 -17.52 17.81 -15.30
C SER A 287 -17.75 16.31 -15.43
N VAL A 288 -18.94 15.90 -15.83
CA VAL A 288 -19.16 14.48 -16.06
C VAL A 288 -18.53 14.03 -17.37
N LYS A 289 -18.52 14.90 -18.39
CA LYS A 289 -17.98 14.54 -19.69
C LYS A 289 -16.49 14.27 -19.62
N LYS A 290 -15.75 15.08 -18.87
CA LYS A 290 -14.32 14.82 -18.72
C LYS A 290 -14.09 13.44 -18.10
N LEU A 291 -14.98 13.01 -17.21
CA LEU A 291 -14.89 11.70 -16.58
C LEU A 291 -15.93 10.71 -17.09
N ALA A 292 -16.63 11.03 -18.19
CA ALA A 292 -17.69 10.14 -18.67
C ALA A 292 -17.11 8.82 -19.17
N ASP A 293 -16.11 8.88 -20.04
CA ASP A 293 -15.53 7.65 -20.59
C ASP A 293 -14.89 6.82 -19.50
N VAL A 294 -14.14 7.47 -18.59
CA VAL A 294 -13.46 6.72 -17.53
C VAL A 294 -14.48 6.13 -16.57
N THR A 295 -15.58 6.83 -16.30
CA THR A 295 -16.58 6.29 -15.39
C THR A 295 -17.32 5.12 -16.01
N ILE A 296 -17.66 5.21 -17.29
CA ILE A 296 -18.29 4.09 -17.97
C ILE A 296 -17.36 2.89 -18.00
N LEU A 297 -16.07 3.13 -18.27
CA LEU A 297 -15.11 2.02 -18.25
C LEU A 297 -14.98 1.42 -16.86
N THR A 298 -15.00 2.26 -15.82
CA THR A 298 -14.90 1.74 -14.45
C THR A 298 -16.09 0.85 -14.13
N ILE A 299 -17.30 1.33 -14.43
CA ILE A 299 -18.49 0.52 -14.10
C ILE A 299 -18.51 -0.75 -14.94
N PHE A 300 -18.09 -0.68 -16.21
CA PHE A 300 -18.10 -1.85 -17.07
C PHE A 300 -17.09 -2.91 -16.59
N CYS A 301 -15.85 -2.48 -16.35
CA CYS A 301 -14.84 -3.43 -15.89
C CYS A 301 -15.19 -3.98 -14.51
N LEU A 302 -15.75 -3.14 -13.63
CA LEU A 302 -16.15 -3.62 -12.32
C LEU A 302 -17.27 -4.64 -12.43
N SER A 303 -18.25 -4.41 -13.32
CA SER A 303 -19.32 -5.38 -13.52
C SER A 303 -18.79 -6.68 -14.09
N VAL A 304 -17.86 -6.60 -15.05
CA VAL A 304 -17.30 -7.81 -15.65
C VAL A 304 -16.53 -8.62 -14.61
N PHE A 305 -15.72 -7.95 -13.79
CA PHE A 305 -14.96 -8.67 -12.78
C PHE A 305 -15.85 -9.12 -11.64
N ALA A 306 -16.96 -8.43 -11.41
CA ALA A 306 -17.96 -8.91 -10.46
C ALA A 306 -18.59 -10.22 -10.94
N LEU A 307 -18.87 -10.29 -12.24
CA LEU A 307 -19.36 -11.55 -12.80
C LEU A 307 -18.32 -12.65 -12.68
N VAL A 308 -17.06 -12.33 -12.95
CA VAL A 308 -15.99 -13.32 -12.81
C VAL A 308 -15.91 -13.82 -11.37
N GLY A 309 -15.96 -12.89 -10.42
CA GLY A 309 -15.90 -13.28 -9.02
C GLY A 309 -17.10 -14.09 -8.58
N LEU A 310 -18.30 -13.68 -8.99
CA LEU A 310 -19.50 -14.45 -8.69
C LEU A 310 -19.39 -15.87 -9.23
N GLN A 311 -18.94 -16.02 -10.48
CA GLN A 311 -18.89 -17.33 -11.10
C GLN A 311 -17.82 -18.20 -10.46
N LEU A 312 -16.66 -17.67 -10.13
CA LEU A 312 -15.58 -18.55 -9.61
C LEU A 312 -15.76 -18.71 -8.11
N PHE A 313 -16.10 -17.62 -7.43
CA PHE A 313 -16.25 -17.58 -5.95
C PHE A 313 -17.74 -17.41 -5.65
N LYS A 314 -18.35 -18.34 -4.93
CA LYS A 314 -19.77 -18.23 -4.54
C LYS A 314 -20.08 -19.27 -3.46
N GLY A 315 -20.31 -18.85 -2.22
CA GLY A 315 -20.60 -19.75 -1.11
C GLY A 315 -19.34 -20.15 -0.41
N ASN A 316 -18.16 -19.84 -0.93
CA ASN A 316 -16.90 -20.33 -0.34
C ASN A 316 -16.59 -19.44 0.85
N LEU A 317 -17.28 -18.31 1.00
CA LEU A 317 -17.13 -17.39 2.14
C LEU A 317 -17.98 -17.89 3.31
N LYS A 318 -18.86 -18.88 3.07
CA LYS A 318 -19.69 -19.51 4.09
C LYS A 318 -19.04 -20.79 4.58
N ASN A 319 -17.74 -20.93 4.40
CA ASN A 319 -17.02 -22.17 4.69
C ASN A 319 -16.33 -22.05 6.04
N LYS A 320 -17.10 -22.29 7.10
CA LYS A 320 -16.54 -22.23 8.47
C LYS A 320 -16.17 -23.66 8.87
N CYS A 321 -15.22 -23.82 9.78
CA CYS A 321 -14.79 -25.11 10.31
C CYS A 321 -15.76 -25.57 11.40
N VAL A 322 -16.93 -26.03 10.95
CA VAL A 322 -17.94 -26.52 11.87
C VAL A 322 -17.48 -27.84 12.48
N LYS A 323 -17.56 -27.94 13.80
CA LYS A 323 -17.07 -29.11 14.51
C LYS A 323 -18.02 -30.28 14.35
N ASN A 324 -17.45 -31.49 14.40
CA ASN A 324 -18.20 -32.73 14.43
C ASN A 324 -18.07 -33.35 15.82
N ASP A 325 -19.06 -34.16 16.18
CA ASP A 325 -19.00 -34.95 17.41
C ASP A 325 -18.07 -36.13 17.15
N MET A 326 -16.76 -35.87 17.27
CA MET A 326 -15.76 -36.87 16.94
C MET A 326 -15.89 -38.11 17.81
N ALA A 327 -16.07 -37.91 19.11
CA ALA A 327 -16.30 -39.04 20.00
C ALA A 327 -17.67 -39.66 19.74
N VAL A 328 -17.71 -41.00 19.77
CA VAL A 328 -18.95 -41.71 19.55
C VAL A 328 -19.86 -41.55 20.76
N ASN A 329 -21.16 -41.70 20.52
CA ASN A 329 -22.17 -41.57 21.57
C ASN A 329 -23.07 -42.80 21.53
N GLU A 330 -23.43 -43.30 22.72
CA GLU A 330 -24.29 -44.47 22.79
C GLU A 330 -25.68 -44.17 22.22
N THR A 331 -26.21 -42.98 22.49
CA THR A 331 -27.48 -42.54 21.94
C THR A 331 -27.21 -41.50 20.86
N THR A 332 -28.25 -41.13 20.13
CA THR A 332 -28.12 -40.14 19.06
C THR A 332 -27.58 -38.83 19.60
N ASN A 333 -26.56 -38.30 18.92
CA ASN A 333 -25.91 -37.06 19.31
C ASN A 333 -26.50 -35.84 18.61
N TYR A 334 -27.58 -36.04 17.83
CA TYR A 334 -28.24 -34.95 17.13
C TYR A 334 -29.66 -34.73 17.62
N SER A 335 -29.89 -34.90 18.93
CA SER A 335 -31.25 -34.84 19.47
C SER A 335 -31.91 -33.50 19.20
N SER A 336 -31.19 -32.40 19.40
CA SER A 336 -31.72 -31.06 19.17
C SER A 336 -31.26 -30.50 17.83
N HIS A 337 -29.95 -30.44 17.60
CA HIS A 337 -29.32 -29.88 16.40
C HIS A 337 -29.73 -28.43 16.16
N ARG A 338 -30.29 -27.76 17.16
CA ARG A 338 -30.62 -26.34 17.05
C ARG A 338 -29.37 -25.47 17.17
N LYS A 339 -28.46 -25.81 18.07
CA LYS A 339 -27.18 -25.11 18.20
C LYS A 339 -26.02 -26.11 18.23
N PRO A 340 -25.76 -26.80 17.11
CA PRO A 340 -24.55 -27.63 17.00
C PRO A 340 -23.37 -26.93 16.33
N ASP A 341 -23.53 -25.67 15.96
CA ASP A 341 -22.53 -24.93 15.18
C ASP A 341 -21.38 -24.56 16.11
N ILE A 342 -20.49 -25.51 16.35
CA ILE A 342 -19.32 -25.27 17.18
C ILE A 342 -18.18 -24.79 16.30
N TYR A 343 -18.15 -23.49 16.03
CA TYR A 343 -17.09 -22.91 15.21
C TYR A 343 -15.80 -22.81 16.02
N ILE A 344 -14.69 -22.60 15.32
CA ILE A 344 -13.38 -22.41 15.94
C ILE A 344 -12.85 -21.07 15.41
N ASN A 345 -12.68 -20.11 16.30
CA ASN A 345 -12.24 -18.78 15.90
C ASN A 345 -10.77 -18.80 15.52
N LYS A 346 -10.41 -17.97 14.53
CA LYS A 346 -9.02 -17.86 14.03
C LYS A 346 -8.14 -17.31 15.15
N ARG A 347 -6.95 -17.88 15.34
CA ARG A 347 -6.05 -17.51 16.44
C ARG A 347 -5.73 -16.02 16.39
N GLY A 348 -5.95 -15.35 17.52
CA GLY A 348 -5.71 -13.92 17.63
C GLY A 348 -6.86 -13.04 17.23
N THR A 349 -8.04 -13.60 16.97
CA THR A 349 -9.20 -12.81 16.60
C THR A 349 -10.47 -13.52 17.03
N SER A 350 -11.57 -12.76 17.03
CA SER A 350 -12.88 -13.28 17.39
C SER A 350 -13.71 -13.64 16.17
N ASP A 351 -13.06 -14.08 15.09
CA ASP A 351 -13.72 -14.42 13.85
C ASP A 351 -13.54 -15.90 13.54
N PRO A 352 -14.59 -16.58 13.08
CA PRO A 352 -14.47 -18.00 12.77
C PRO A 352 -13.43 -18.26 11.68
N LEU A 353 -12.77 -19.42 11.78
CA LEU A 353 -11.76 -19.81 10.81
C LEU A 353 -12.42 -20.32 9.54
N LEU A 354 -12.06 -19.72 8.41
CA LEU A 354 -12.58 -20.16 7.12
C LEU A 354 -11.72 -21.31 6.58
N CYS A 355 -12.28 -22.03 5.62
CA CYS A 355 -11.64 -23.27 5.16
C CYS A 355 -12.08 -23.57 3.74
N GLY A 356 -11.48 -24.62 3.19
CA GLY A 356 -11.86 -25.12 1.88
C GLY A 356 -11.38 -26.54 1.69
N ASN A 357 -12.12 -27.30 0.88
CA ASN A 357 -11.77 -28.69 0.65
C ASN A 357 -10.64 -28.85 -0.37
N GLY A 358 -10.44 -27.86 -1.24
CA GLY A 358 -9.40 -27.92 -2.24
C GLY A 358 -8.01 -28.12 -1.66
N SER A 359 -7.09 -28.69 -2.45
CA SER A 359 -5.75 -28.93 -1.96
C SER A 359 -5.01 -27.62 -1.66
N ASP A 360 -5.32 -26.57 -2.43
CA ASP A 360 -4.70 -25.26 -2.25
C ASP A 360 -5.49 -24.35 -1.34
N SER A 361 -6.56 -24.84 -0.73
CA SER A 361 -7.38 -24.04 0.16
C SER A 361 -6.86 -24.13 1.59
N GLY A 362 -7.53 -23.42 2.50
CA GLY A 362 -7.23 -23.52 3.91
C GLY A 362 -7.92 -24.71 4.55
N HIS A 363 -7.19 -25.46 5.37
CA HIS A 363 -7.68 -26.71 5.92
C HIS A 363 -8.04 -26.56 7.39
N CYS A 364 -9.11 -27.24 7.81
CA CYS A 364 -9.59 -27.17 9.16
C CYS A 364 -8.60 -27.83 10.13
N PRO A 365 -8.59 -27.39 11.38
CA PRO A 365 -7.78 -28.10 12.39
C PRO A 365 -8.38 -29.46 12.70
N ASP A 366 -7.56 -30.30 13.33
CA ASP A 366 -7.97 -31.66 13.65
C ASP A 366 -9.23 -31.64 14.50
N GLY A 367 -10.17 -32.52 14.17
CA GLY A 367 -11.43 -32.60 14.86
C GLY A 367 -12.54 -31.73 14.30
N TYR A 368 -12.31 -31.06 13.17
CA TYR A 368 -13.30 -30.20 12.55
C TYR A 368 -13.45 -30.56 11.08
N ILE A 369 -14.59 -30.16 10.52
CA ILE A 369 -14.90 -30.37 9.12
C ILE A 369 -15.28 -29.03 8.50
N CYS A 370 -14.97 -28.85 7.23
CA CYS A 370 -15.40 -27.65 6.51
C CYS A 370 -16.82 -27.83 6.03
N LEU A 371 -17.68 -26.87 6.33
CA LEU A 371 -19.10 -27.00 6.01
C LEU A 371 -19.63 -25.68 5.45
N LYS A 372 -20.66 -25.80 4.63
CA LYS A 372 -21.37 -24.63 4.10
C LYS A 372 -22.34 -24.12 5.15
N THR A 373 -21.99 -23.01 5.79
CA THR A 373 -22.87 -22.40 6.77
C THR A 373 -23.81 -21.42 6.05
N SER A 374 -24.51 -20.60 6.81
CA SER A 374 -25.47 -19.64 6.26
C SER A 374 -25.03 -18.20 6.45
N ASP A 375 -23.82 -17.96 6.94
CA ASP A 375 -23.38 -16.61 7.28
C ASP A 375 -22.05 -16.31 6.60
N ASN A 376 -21.98 -15.16 5.94
CA ASN A 376 -20.76 -14.63 5.37
C ASN A 376 -19.99 -13.82 6.41
N PRO A 377 -18.68 -13.67 6.23
CA PRO A 377 -17.90 -12.88 7.20
C PRO A 377 -18.25 -11.40 7.11
N ASP A 378 -17.77 -10.67 8.11
CA ASP A 378 -17.92 -9.20 8.20
C ASP A 378 -19.40 -8.81 8.27
N PHE A 379 -20.07 -9.33 9.31
CA PHE A 379 -21.48 -9.04 9.58
C PHE A 379 -22.39 -9.43 8.42
N ASN A 380 -22.03 -10.52 7.74
CA ASN A 380 -22.78 -11.00 6.57
C ASN A 380 -22.90 -9.92 5.50
N TYR A 381 -21.78 -9.23 5.25
CA TYR A 381 -21.69 -8.22 4.22
C TYR A 381 -20.61 -8.48 3.18
N THR A 382 -19.56 -9.23 3.54
CA THR A 382 -18.47 -9.55 2.61
C THR A 382 -18.76 -10.92 2.02
N SER A 383 -19.12 -10.94 0.74
CA SER A 383 -19.40 -12.20 0.07
C SER A 383 -19.31 -12.02 -1.43
N PHE A 384 -19.17 -13.15 -2.12
CA PHE A 384 -19.22 -13.22 -3.58
C PHE A 384 -20.47 -13.96 -4.05
N ASP A 385 -21.46 -14.11 -3.18
CA ASP A 385 -22.57 -15.02 -3.41
C ASP A 385 -23.70 -14.42 -4.24
N SER A 386 -23.63 -13.13 -4.57
CA SER A 386 -24.66 -12.51 -5.38
C SER A 386 -24.05 -11.38 -6.20
N PHE A 387 -24.86 -10.82 -7.09
CA PHE A 387 -24.35 -9.76 -7.96
C PHE A 387 -23.98 -8.52 -7.17
N ALA A 388 -24.87 -8.07 -6.28
CA ALA A 388 -24.60 -6.84 -5.52
C ALA A 388 -23.41 -7.02 -4.59
N TRP A 389 -23.32 -8.19 -3.93
CA TRP A 389 -22.20 -8.45 -3.04
C TRP A 389 -20.89 -8.50 -3.81
N ALA A 390 -20.90 -9.14 -4.99
CA ALA A 390 -19.71 -9.19 -5.83
C ALA A 390 -19.32 -7.80 -6.32
N PHE A 391 -20.32 -6.98 -6.67
CA PHE A 391 -20.02 -5.63 -7.12
C PHE A 391 -19.39 -4.81 -6.01
N LEU A 392 -19.91 -4.92 -4.79
CA LEU A 392 -19.31 -4.22 -3.66
C LEU A 392 -17.90 -4.71 -3.37
N SER A 393 -17.69 -6.03 -3.46
CA SER A 393 -16.35 -6.58 -3.24
C SER A 393 -15.37 -6.08 -4.29
N LEU A 394 -15.81 -6.00 -5.55
CA LEU A 394 -14.91 -5.54 -6.61
C LEU A 394 -14.67 -4.02 -6.52
N PHE A 395 -15.67 -3.25 -6.10
CA PHE A 395 -15.43 -1.84 -5.84
C PHE A 395 -14.42 -1.64 -4.73
N ARG A 396 -14.53 -2.43 -3.65
CA ARG A 396 -13.57 -2.36 -2.57
C ARG A 396 -12.18 -2.81 -3.03
N LEU A 397 -12.11 -3.76 -3.95
CA LEU A 397 -10.82 -4.16 -4.52
C LEU A 397 -10.23 -3.04 -5.38
N MET A 398 -11.08 -2.34 -6.14
CA MET A 398 -10.63 -1.20 -6.92
C MET A 398 -10.04 -0.12 -6.02
N THR A 399 -10.80 0.28 -5.00
CA THR A 399 -10.33 1.33 -4.09
C THR A 399 -9.19 0.88 -3.20
N GLN A 400 -8.88 -0.43 -3.20
CA GLN A 400 -7.82 -1.03 -2.41
C GLN A 400 -8.10 -0.94 -0.91
N ASP A 401 -9.35 -0.70 -0.51
CA ASP A 401 -9.72 -0.53 0.89
C ASP A 401 -9.71 -1.88 1.58
N SER A 402 -8.59 -2.18 2.24
CA SER A 402 -8.41 -3.44 2.96
C SER A 402 -8.73 -4.63 2.06
N TRP A 403 -8.34 -4.52 0.80
CA TRP A 403 -8.58 -5.59 -0.17
C TRP A 403 -7.89 -6.88 0.26
N GLU A 404 -6.81 -6.78 1.04
CA GLU A 404 -6.01 -7.97 1.43
C GLU A 404 -6.80 -8.83 2.43
N ARG A 405 -7.95 -8.36 2.86
CA ARG A 405 -8.77 -9.09 3.74
C ARG A 405 -9.65 -9.97 2.84
N LEU A 406 -10.26 -9.41 1.81
CA LEU A 406 -11.12 -10.18 0.86
C LEU A 406 -10.21 -11.18 0.17
N TYR A 407 -8.98 -10.79 -0.04
CA TYR A 407 -8.03 -11.64 -0.76
C TYR A 407 -7.61 -12.83 0.09
N GLN A 408 -7.34 -12.61 1.38
CA GLN A 408 -6.95 -13.70 2.26
C GLN A 408 -8.11 -14.64 2.55
N GLN A 409 -9.33 -14.10 2.71
CA GLN A 409 -10.50 -14.97 2.87
C GLN A 409 -10.71 -15.85 1.64
N THR A 410 -10.65 -15.24 0.46
CA THR A 410 -10.88 -15.98 -0.77
C THR A 410 -9.81 -17.03 -1.03
N LEU A 411 -8.55 -16.72 -0.73
CA LEU A 411 -7.51 -17.75 -0.89
C LEU A 411 -7.52 -18.76 0.25
N ARG A 412 -8.15 -18.43 1.38
CA ARG A 412 -8.36 -19.43 2.43
C ARG A 412 -9.38 -20.46 2.00
N THR A 413 -10.43 -20.02 1.31
CA THR A 413 -11.52 -20.92 0.97
C THR A 413 -11.35 -21.56 -0.42
N SER A 414 -11.23 -20.74 -1.46
CA SER A 414 -11.13 -21.25 -2.82
C SER A 414 -9.80 -21.94 -3.09
N GLY A 415 -8.70 -21.29 -2.73
CA GLY A 415 -7.38 -21.85 -2.94
C GLY A 415 -6.35 -20.81 -3.34
N LYS A 416 -5.08 -21.16 -3.12
CA LYS A 416 -3.99 -20.21 -3.36
C LYS A 416 -3.87 -19.84 -4.84
N ILE A 417 -4.07 -20.81 -5.73
CA ILE A 417 -3.85 -20.62 -7.16
C ILE A 417 -4.87 -19.63 -7.72
N TYR A 418 -5.82 -19.16 -6.90
CA TYR A 418 -6.84 -18.16 -7.32
C TYR A 418 -6.30 -16.77 -7.08
N MET A 419 -5.08 -16.66 -6.57
CA MET A 419 -4.40 -15.35 -6.41
C MET A 419 -4.36 -14.66 -7.77
N ILE A 420 -4.32 -15.40 -8.88
CA ILE A 420 -4.29 -14.87 -10.29
C ILE A 420 -5.48 -13.93 -10.54
N PHE A 421 -6.70 -14.21 -10.10
CA PHE A 421 -7.82 -13.29 -10.20
C PHE A 421 -7.49 -11.96 -9.55
N PHE A 422 -6.88 -11.99 -8.38
CA PHE A 422 -6.59 -10.76 -7.66
C PHE A 422 -5.45 -9.99 -8.33
N VAL A 423 -4.47 -10.70 -8.88
CA VAL A 423 -3.42 -10.01 -9.64
C VAL A 423 -4.02 -9.32 -10.86
N LEU A 424 -4.91 -10.02 -11.57
CA LEU A 424 -5.56 -9.42 -12.74
C LEU A 424 -6.37 -8.19 -12.35
N VAL A 425 -7.14 -8.28 -11.26
CA VAL A 425 -8.03 -7.18 -10.89
C VAL A 425 -7.31 -6.10 -10.10
N ILE A 426 -6.05 -6.31 -9.72
CA ILE A 426 -5.25 -5.27 -9.08
C ILE A 426 -4.46 -4.53 -10.15
N PHE A 427 -3.72 -5.26 -10.98
CA PHE A 427 -2.97 -4.61 -12.04
C PHE A 427 -3.92 -3.91 -13.02
N LEU A 428 -4.99 -4.58 -13.42
CA LEU A 428 -6.04 -3.94 -14.20
C LEU A 428 -7.12 -3.42 -13.27
N GLY A 429 -7.95 -2.54 -13.80
CA GLY A 429 -9.06 -2.04 -13.03
C GLY A 429 -8.62 -1.08 -11.94
N SER A 430 -8.03 -1.61 -10.87
CA SER A 430 -7.56 -0.74 -9.80
C SER A 430 -6.43 0.15 -10.28
N PHE A 431 -5.28 -0.45 -10.59
CA PHE A 431 -4.11 0.34 -10.99
C PHE A 431 -4.38 1.11 -12.27
N TYR A 432 -4.82 0.42 -13.32
CA TYR A 432 -5.02 1.06 -14.61
C TYR A 432 -6.12 2.11 -14.56
N LEU A 433 -7.21 1.81 -13.85
CA LEU A 433 -8.34 2.73 -13.83
C LEU A 433 -8.07 3.92 -12.92
N VAL A 434 -7.27 3.76 -11.87
CA VAL A 434 -6.81 4.90 -11.10
C VAL A 434 -5.87 5.75 -11.94
N ASN A 435 -5.01 5.11 -12.74
CA ASN A 435 -4.21 5.85 -13.72
C ASN A 435 -5.10 6.68 -14.64
N LEU A 436 -6.16 6.08 -15.15
CA LEU A 436 -7.04 6.78 -16.07
C LEU A 436 -7.77 7.94 -15.38
N ILE A 437 -8.22 7.74 -14.15
CA ILE A 437 -8.87 8.82 -13.42
C ILE A 437 -7.90 9.96 -13.15
N LEU A 438 -6.68 9.63 -12.70
CA LEU A 438 -5.68 10.64 -12.41
C LEU A 438 -5.28 11.41 -13.67
N ALA A 439 -5.10 10.71 -14.78
CA ALA A 439 -4.82 11.34 -16.06
C ALA A 439 -5.98 12.17 -16.58
N VAL A 440 -7.23 11.74 -16.34
CA VAL A 440 -8.38 12.56 -16.73
C VAL A 440 -8.43 13.84 -15.93
N VAL A 441 -8.16 13.77 -14.62
CA VAL A 441 -8.10 14.99 -13.81
C VAL A 441 -6.97 15.90 -14.28
N THR A 442 -5.79 15.32 -14.55
CA THR A 442 -4.66 16.11 -15.02
C THR A 442 -4.97 16.78 -16.35
N MET A 443 -5.59 16.06 -17.28
CA MET A 443 -5.92 16.64 -18.58
C MET A 443 -6.93 17.77 -18.44
N ALA A 444 -7.94 17.59 -17.58
CA ALA A 444 -8.89 18.67 -17.33
C ALA A 444 -8.23 19.89 -16.73
N TYR A 445 -7.29 19.75 -15.80
CA TYR A 445 -6.62 20.96 -15.32
C TYR A 445 -5.80 21.59 -16.42
N GLU A 446 -4.88 20.85 -17.00
CA GLU A 446 -4.05 21.42 -18.01
C GLU A 446 -4.91 22.16 -19.01
N GLU A 447 -6.13 21.68 -19.26
CA GLU A 447 -7.04 22.38 -20.17
C GLU A 447 -7.43 23.68 -19.51
N GLN A 448 -7.81 23.62 -18.26
CA GLN A 448 -8.11 24.82 -17.49
C GLN A 448 -6.96 25.83 -17.51
N ASN A 449 -5.73 25.37 -17.35
CA ASN A 449 -4.56 26.23 -17.46
C ASN A 449 -4.37 26.80 -18.85
N GLN A 450 -4.62 26.01 -19.89
CA GLN A 450 -4.58 26.52 -21.25
C GLN A 450 -5.63 27.59 -21.47
N ALA A 451 -6.82 27.40 -20.90
CA ALA A 451 -7.83 28.45 -20.94
C ALA A 451 -7.36 29.69 -20.19
N THR A 452 -6.65 29.50 -19.08
CA THR A 452 -6.10 30.61 -18.31
C THR A 452 -5.03 31.35 -19.12
N TRP A 696 20.35 60.41 23.18
CA TRP A 696 20.39 59.05 22.67
C TRP A 696 21.83 58.65 22.29
N VAL A 697 22.64 58.38 23.31
CA VAL A 697 23.99 57.88 23.08
C VAL A 697 24.02 56.40 22.70
N LYS A 698 22.87 55.72 22.81
CA LYS A 698 22.79 54.30 22.51
C LYS A 698 22.93 54.00 21.03
N LEU A 699 22.90 55.02 20.16
CA LEU A 699 23.08 54.78 18.73
C LEU A 699 24.45 54.17 18.43
N LYS A 700 25.46 54.52 19.25
CA LYS A 700 26.77 53.91 19.07
C LYS A 700 26.72 52.41 19.34
N THR A 701 26.00 52.00 20.38
CA THR A 701 25.82 50.57 20.63
C THR A 701 24.97 49.94 19.54
N ILE A 702 24.05 50.72 18.96
CA ILE A 702 23.15 50.21 17.93
C ILE A 702 23.94 49.83 16.67
N LEU A 703 24.79 50.64 16.18
CA LEU A 703 25.58 50.37 14.96
C LEU A 703 26.71 49.42 15.32
N PHE A 704 27.11 49.40 16.66
CA PHE A 704 28.10 48.42 17.07
C PHE A 704 27.68 46.99 16.75
N GLY A 705 26.38 46.76 16.53
CA GLY A 705 25.87 45.41 16.31
C GLY A 705 26.52 44.67 15.17
N LEU A 706 26.26 45.11 13.94
CA LEU A 706 26.80 44.48 12.73
C LEU A 706 26.63 42.96 12.80
N VAL A 707 25.37 42.54 12.79
CA VAL A 707 25.08 41.11 12.86
C VAL A 707 25.59 40.40 11.61
N THR A 708 25.39 41.00 10.45
CA THR A 708 25.87 40.41 9.20
C THR A 708 27.39 40.34 9.21
N ASP A 709 27.92 39.17 8.90
CA ASP A 709 29.34 38.87 9.07
C ASP A 709 29.66 37.58 8.32
N PRO A 710 30.93 37.23 8.15
CA PRO A 710 31.26 35.86 7.74
C PRO A 710 30.76 34.88 8.80
N PHE A 711 30.11 33.81 8.35
CA PHE A 711 29.51 32.79 9.20
C PHE A 711 28.39 33.35 10.08
N ALA A 712 27.86 34.53 9.76
CA ALA A 712 26.83 35.14 10.60
C ALA A 712 25.56 34.31 10.62
N GLU A 713 24.89 34.19 9.47
CA GLU A 713 23.67 33.39 9.41
C GLU A 713 23.98 31.90 9.43
N LEU A 714 25.24 31.55 9.14
CA LEU A 714 25.68 30.14 9.13
C LEU A 714 26.10 29.72 10.56
N THR A 715 26.16 30.64 11.53
CA THR A 715 26.39 30.27 12.95
C THR A 715 25.01 30.04 13.52
N ILE A 716 24.00 30.68 12.95
CA ILE A 716 22.59 30.48 13.38
C ILE A 716 22.14 29.13 12.79
N THR A 717 22.38 28.81 11.52
CA THR A 717 22.01 27.54 10.90
C THR A 717 22.63 26.37 11.64
N LEU A 718 23.90 26.48 12.00
CA LEU A 718 24.57 25.41 12.76
C LEU A 718 23.94 25.24 14.13
N CYS A 719 23.56 26.34 14.78
CA CYS A 719 22.88 26.24 16.07
C CYS A 719 21.55 25.51 15.94
N ILE A 720 20.78 25.82 14.90
CA ILE A 720 19.51 25.11 14.67
C ILE A 720 19.77 23.63 14.41
N VAL A 721 20.79 23.32 13.61
CA VAL A 721 21.08 21.92 13.30
C VAL A 721 21.44 21.16 14.56
N VAL A 722 22.32 21.73 15.39
CA VAL A 722 22.75 21.05 16.61
C VAL A 722 21.59 20.96 17.61
N ASN A 723 20.75 21.99 17.68
CA ASN A 723 19.60 21.94 18.58
C ASN A 723 18.61 20.86 18.18
N THR A 724 18.35 20.68 16.89
CA THR A 724 17.41 19.65 16.38
C THR A 724 18.03 18.30 16.56
N ILE A 725 19.33 18.20 16.50
CA ILE A 725 19.98 16.96 16.75
C ILE A 725 19.86 16.61 18.20
N PHE A 726 19.78 17.60 19.08
CA PHE A 726 19.64 17.36 20.52
C PHE A 726 18.28 16.84 20.79
N MET A 727 17.30 17.52 20.27
CA MET A 727 15.94 17.08 20.45
C MET A 727 15.74 15.68 19.88
N ALA A 728 16.61 15.23 18.99
CA ALA A 728 16.33 13.92 18.36
C ALA A 728 16.88 12.83 19.25
N MET A 729 17.45 13.19 20.39
CA MET A 729 18.10 12.19 21.26
C MET A 729 17.26 11.97 22.53
N GLU A 730 15.99 12.39 22.52
CA GLU A 730 15.05 12.14 23.64
C GLU A 730 14.37 10.77 23.41
N HIS A 731 14.24 9.92 24.44
CA HIS A 731 13.64 8.61 24.32
C HIS A 731 12.98 8.23 25.64
N HIS A 732 12.30 7.09 25.65
CA HIS A 732 11.60 6.65 26.85
C HIS A 732 12.59 6.29 27.96
N GLY A 733 13.56 5.45 27.66
CA GLY A 733 14.49 4.97 28.67
C GLY A 733 15.76 5.79 28.77
N MET A 734 15.63 7.05 29.17
CA MET A 734 16.76 7.96 29.26
C MET A 734 17.16 8.15 30.72
N SER A 735 18.46 8.11 30.98
CA SER A 735 18.95 8.31 32.33
C SER A 735 18.63 9.73 32.81
N PRO A 736 18.46 9.93 34.12
CA PRO A 736 18.24 11.29 34.62
C PRO A 736 19.38 12.23 34.26
N THR A 737 20.62 11.74 34.26
CA THR A 737 21.75 12.56 33.85
C THR A 737 21.63 12.92 32.37
N PHE A 738 21.23 11.97 31.54
CA PHE A 738 21.06 12.24 30.11
C PHE A 738 19.96 13.28 29.89
N GLU A 739 18.85 13.16 30.61
CA GLU A 739 17.78 14.15 30.53
C GLU A 739 18.21 15.52 31.04
N ALA A 740 19.00 15.59 32.11
CA ALA A 740 19.54 16.86 32.57
C ALA A 740 20.47 17.50 31.54
N MET A 741 21.33 16.69 30.92
CA MET A 741 22.20 17.18 29.85
C MET A 741 21.42 17.62 28.62
N LEU A 742 20.30 16.98 28.33
CA LEU A 742 19.46 17.37 27.20
C LEU A 742 18.57 18.56 27.50
N GLN A 743 18.30 18.85 28.78
CA GLN A 743 17.58 20.04 29.17
C GLN A 743 18.48 21.27 29.32
N ILE A 744 19.69 21.11 29.84
CA ILE A 744 20.61 22.24 29.89
C ILE A 744 21.01 22.67 28.49
N GLY A 745 21.11 21.73 27.55
CA GLY A 745 21.35 22.11 26.16
C GLY A 745 20.22 22.94 25.59
N ASN A 746 18.97 22.55 25.88
CA ASN A 746 17.83 23.33 25.42
C ASN A 746 17.83 24.71 26.06
N ILE A 747 18.20 24.79 27.35
CA ILE A 747 18.28 26.09 28.02
C ILE A 747 19.36 26.95 27.37
N VAL A 748 20.52 26.37 27.08
CA VAL A 748 21.60 27.11 26.44
C VAL A 748 21.18 27.62 25.08
N PHE A 749 20.46 26.80 24.31
CA PHE A 749 20.04 27.24 22.99
C PHE A 749 18.90 28.26 23.05
N THR A 750 18.02 28.19 24.06
CA THR A 750 17.08 29.27 24.27
C THR A 750 17.81 30.58 24.55
N ILE A 751 18.86 30.50 25.37
CA ILE A 751 19.67 31.69 25.64
C ILE A 751 20.31 32.20 24.36
N PHE A 752 20.82 31.30 23.53
CA PHE A 752 21.46 31.69 22.28
C PHE A 752 20.47 32.39 21.34
N PHE A 753 19.27 31.83 21.20
CA PHE A 753 18.29 32.44 20.30
C PHE A 753 17.78 33.76 20.84
N THR A 754 17.56 33.86 22.16
CA THR A 754 17.17 35.15 22.74
C THR A 754 18.24 36.19 22.56
N ALA A 755 19.51 35.80 22.76
CA ALA A 755 20.64 36.67 22.52
C ALA A 755 20.58 37.17 21.08
N GLU A 756 20.64 36.24 20.12
CA GLU A 756 20.59 36.61 18.71
C GLU A 756 19.45 37.58 18.41
N MET A 757 18.26 37.31 18.96
CA MET A 757 17.13 38.19 18.70
C MET A 757 17.38 39.60 19.24
N VAL A 758 17.84 39.73 20.49
CA VAL A 758 17.99 41.08 21.04
C VAL A 758 19.16 41.80 20.38
N PHE A 759 20.25 41.08 20.11
CA PHE A 759 21.42 41.65 19.46
C PHE A 759 21.11 42.07 18.03
N LYS A 760 20.11 41.47 17.39
CA LYS A 760 19.68 41.92 16.08
C LYS A 760 18.59 42.99 16.16
N ILE A 761 17.84 43.04 17.27
CA ILE A 761 16.91 44.13 17.49
C ILE A 761 17.67 45.44 17.64
N ILE A 762 18.71 45.43 18.47
CA ILE A 762 19.47 46.66 18.70
C ILE A 762 20.24 47.04 17.44
N ALA A 763 20.83 46.06 16.75
CA ALA A 763 21.57 46.36 15.54
C ALA A 763 20.65 46.90 14.45
N PHE A 764 19.50 46.26 14.25
CA PHE A 764 18.55 46.73 13.26
C PHE A 764 17.68 47.84 13.83
N ASP A 765 16.87 48.45 12.97
CA ASP A 765 15.96 49.49 13.38
C ASP A 765 14.70 48.89 13.99
N PRO A 766 14.01 49.63 14.87
CA PRO A 766 12.83 49.06 15.55
C PRO A 766 11.75 48.59 14.60
N TYR A 767 11.57 49.25 13.47
CA TYR A 767 10.56 48.84 12.50
C TYR A 767 11.11 47.86 11.47
N TYR A 768 12.38 48.02 11.08
CA TYR A 768 12.94 47.21 10.00
C TYR A 768 13.05 45.75 10.38
N TYR A 769 13.43 45.47 11.63
CA TYR A 769 13.55 44.09 12.08
C TYR A 769 12.22 43.36 11.99
N PHE A 770 11.16 43.95 12.54
CA PHE A 770 9.87 43.29 12.59
C PHE A 770 9.06 43.50 11.31
N GLN A 771 9.59 44.23 10.34
CA GLN A 771 8.91 44.36 9.05
C GLN A 771 8.93 43.06 8.27
N LYS A 772 9.87 42.16 8.55
CA LYS A 772 10.08 40.98 7.74
C LYS A 772 9.55 39.73 8.41
N LYS A 773 8.85 38.91 7.63
CA LYS A 773 8.23 37.69 8.17
C LYS A 773 9.27 36.65 8.57
N TRP A 774 10.43 36.60 7.92
CA TRP A 774 11.41 35.55 8.26
C TRP A 774 12.06 35.87 9.61
N ASN A 775 11.89 37.10 10.11
CA ASN A 775 12.39 37.48 11.45
C ASN A 775 11.24 37.44 12.44
N ILE A 776 10.00 37.66 11.97
CA ILE A 776 8.78 37.59 12.82
C ILE A 776 8.53 36.10 13.14
N PHE A 777 8.91 35.16 12.28
CA PHE A 777 8.84 33.73 12.57
C PHE A 777 9.72 33.38 13.76
N ASP A 778 10.97 33.84 13.75
CA ASP A 778 11.84 33.59 14.90
C ASP A 778 11.31 34.28 16.15
N CYS A 779 10.65 35.43 15.99
CA CYS A 779 10.04 36.09 17.14
C CYS A 779 9.01 35.18 17.80
N ILE A 780 8.11 34.62 17.00
CA ILE A 780 7.10 33.71 17.54
C ILE A 780 7.75 32.47 18.16
N ILE A 781 8.74 31.91 17.47
CA ILE A 781 9.37 30.69 17.98
C ILE A 781 10.03 30.95 19.33
N VAL A 782 10.74 32.06 19.46
CA VAL A 782 11.47 32.33 20.69
C VAL A 782 10.53 32.75 21.81
N THR A 783 9.44 33.46 21.48
CA THR A 783 8.50 33.82 22.54
C THR A 783 7.77 32.59 23.05
N VAL A 784 7.52 31.61 22.17
CA VAL A 784 6.95 30.34 22.63
C VAL A 784 7.96 29.58 23.47
N SER A 785 9.23 29.57 23.05
CA SER A 785 10.25 28.88 23.82
C SER A 785 10.43 29.50 25.20
N LEU A 786 10.14 30.80 25.34
CA LEU A 786 10.22 31.43 26.65
C LEU A 786 8.94 31.21 27.45
N LEU A 787 7.78 31.29 26.81
CA LEU A 787 6.49 31.21 27.49
C LEU A 787 6.02 29.78 27.71
N GLU A 788 6.82 28.79 27.32
CA GLU A 788 6.53 27.42 27.71
C GLU A 788 7.57 26.81 28.62
N LEU A 789 8.86 27.00 28.36
CA LEU A 789 9.91 26.44 29.19
C LEU A 789 10.03 27.23 30.50
N GLY A 790 8.99 27.13 31.32
CA GLY A 790 8.93 27.84 32.57
C GLY A 790 7.57 28.41 32.90
N VAL A 791 6.66 28.37 31.92
CA VAL A 791 5.30 28.85 32.12
C VAL A 791 4.32 27.75 31.75
N ALA A 792 4.85 26.54 31.54
CA ALA A 792 4.02 25.39 31.21
C ALA A 792 4.79 24.11 31.53
N LYS A 793 4.07 23.11 32.01
CA LYS A 793 4.67 21.80 32.25
C LYS A 793 4.42 20.88 31.06
N LYS A 794 5.01 19.70 31.10
CA LYS A 794 4.83 18.69 30.06
C LYS A 794 3.68 17.74 30.41
N GLY A 795 2.53 18.32 30.75
CA GLY A 795 1.32 17.55 30.94
C GLY A 795 0.50 17.49 29.66
N SER A 796 0.99 16.73 28.68
CA SER A 796 0.52 16.68 27.30
C SER A 796 0.87 17.97 26.56
N LEU A 797 1.68 18.85 27.15
CA LEU A 797 2.07 20.11 26.53
C LEU A 797 3.52 20.09 26.08
N SER A 798 4.10 18.91 25.90
CA SER A 798 5.45 18.82 25.34
C SER A 798 5.49 19.25 23.88
N VAL A 799 4.32 19.38 23.25
CA VAL A 799 4.28 19.83 21.86
C VAL A 799 4.82 21.25 21.74
N LEU A 800 4.60 22.09 22.76
CA LEU A 800 5.15 23.44 22.75
C LEU A 800 6.65 23.42 23.00
N ARG A 801 7.12 22.43 23.77
CA ARG A 801 8.56 22.20 23.85
C ARG A 801 9.13 21.81 22.50
N SER A 802 8.28 21.26 21.61
CA SER A 802 8.71 20.85 20.26
C SER A 802 8.41 21.95 19.23
N PHE A 803 8.22 23.20 19.65
CA PHE A 803 8.00 24.35 18.72
C PHE A 803 9.34 24.87 18.26
N ARG A 804 10.40 24.43 18.92
CA ARG A 804 11.76 24.82 18.54
C ARG A 804 12.17 24.06 17.27
N LEU A 805 11.57 22.88 16.98
CA LEU A 805 11.90 22.16 15.76
C LEU A 805 11.49 22.94 14.52
N LEU A 806 10.49 23.82 14.65
CA LEU A 806 10.01 24.61 13.54
C LEU A 806 11.07 25.55 12.97
N ARG A 807 12.22 25.69 13.65
CA ARG A 807 13.28 26.55 13.15
C ARG A 807 14.02 25.95 11.97
N VAL A 808 13.68 24.72 11.55
CA VAL A 808 14.31 24.12 10.39
C VAL A 808 13.94 24.85 9.10
N PHE A 809 12.88 25.68 9.14
CA PHE A 809 12.50 26.48 7.99
C PHE A 809 13.62 27.42 7.54
N LYS A 810 14.54 27.75 8.45
CA LYS A 810 15.63 28.67 8.11
C LYS A 810 16.50 28.09 6.99
N LEU A 811 16.70 26.78 7.00
CA LEU A 811 17.56 26.12 6.02
C LEU A 811 16.99 26.12 4.62
N ALA A 812 15.76 26.63 4.43
CA ALA A 812 15.15 26.62 3.10
C ALA A 812 15.92 27.47 2.12
N LYS A 813 16.60 28.52 2.60
CA LYS A 813 17.36 29.39 1.71
C LYS A 813 18.51 28.63 1.06
N SER A 814 19.21 27.80 1.83
CA SER A 814 20.28 26.98 1.28
C SER A 814 19.78 25.66 0.72
N TRP A 815 18.48 25.39 0.81
CA TRP A 815 17.90 24.13 0.38
C TRP A 815 16.77 24.38 -0.62
N PRO A 816 17.03 24.27 -1.93
CA PRO A 816 15.97 24.55 -2.91
C PRO A 816 14.77 23.64 -2.78
N THR A 817 14.96 22.36 -2.43
CA THR A 817 13.81 21.47 -2.29
C THR A 817 12.99 21.82 -1.06
N LEU A 818 13.64 22.19 0.04
CA LEU A 818 12.91 22.64 1.22
C LEU A 818 12.13 23.91 0.92
N ASN A 819 12.73 24.82 0.15
CA ASN A 819 12.00 26.01 -0.28
C ASN A 819 10.80 25.63 -1.15
N THR A 820 10.97 24.63 -2.01
CA THR A 820 9.87 24.18 -2.85
C THR A 820 8.74 23.61 -2.01
N LEU A 821 9.06 22.85 -0.97
CA LEU A 821 8.03 22.31 -0.08
C LEU A 821 7.32 23.43 0.66
N ILE A 822 8.07 24.43 1.13
CA ILE A 822 7.45 25.57 1.81
C ILE A 822 6.51 26.30 0.87
N LYS A 823 6.94 26.50 -0.39
CA LYS A 823 6.08 27.12 -1.39
C LYS A 823 4.86 26.27 -1.70
N ILE A 824 5.01 24.95 -1.66
CA ILE A 824 3.87 24.05 -1.84
C ILE A 824 2.83 24.28 -0.76
N ILE A 825 3.29 24.31 0.49
CA ILE A 825 2.36 24.53 1.61
C ILE A 825 1.72 25.91 1.51
N GLY A 826 2.52 26.92 1.17
CA GLY A 826 1.98 28.26 1.03
C GLY A 826 0.96 28.39 -0.08
N ASN A 827 1.25 27.76 -1.23
CA ASN A 827 0.30 27.78 -2.34
C ASN A 827 -0.98 27.04 -1.98
N SER A 828 -0.87 25.99 -1.17
CA SER A 828 -2.05 25.34 -0.62
C SER A 828 -2.86 26.32 0.22
N VAL A 829 -2.18 27.06 1.09
CA VAL A 829 -2.87 28.01 1.96
C VAL A 829 -3.07 29.38 1.31
N GLY A 830 -2.42 29.64 0.17
CA GLY A 830 -2.52 30.93 -0.48
C GLY A 830 -3.43 30.96 -1.69
N ALA A 831 -2.82 30.89 -2.89
CA ALA A 831 -3.61 30.99 -4.11
C ALA A 831 -4.60 29.85 -4.26
N LEU A 832 -4.19 28.63 -3.91
CA LEU A 832 -5.08 27.48 -3.95
C LEU A 832 -5.84 27.28 -2.64
N GLY A 833 -5.87 28.29 -1.79
CA GLY A 833 -6.74 28.25 -0.64
C GLY A 833 -8.19 28.07 -1.03
N ASN A 834 -8.56 28.53 -2.23
CA ASN A 834 -9.93 28.37 -2.70
C ASN A 834 -10.36 26.92 -2.81
N LEU A 835 -9.38 26.00 -2.92
CA LEU A 835 -9.67 24.56 -3.08
C LEU A 835 -9.27 23.78 -1.81
N THR A 836 -8.44 24.35 -0.93
CA THR A 836 -8.02 23.72 0.34
C THR A 836 -8.97 24.16 1.41
N ILE A 837 -9.85 25.12 1.12
CA ILE A 837 -10.92 25.54 2.07
C ILE A 837 -12.13 24.69 1.70
N ILE A 838 -12.22 24.26 0.45
CA ILE A 838 -13.28 23.35 0.02
C ILE A 838 -13.08 21.98 0.65
N LEU A 839 -11.84 21.50 0.68
CA LEU A 839 -11.56 20.22 1.32
C LEU A 839 -12.03 20.22 2.78
N ALA A 840 -11.61 21.23 3.55
CA ALA A 840 -11.96 21.27 4.97
C ALA A 840 -13.45 21.45 5.17
N ILE A 841 -14.10 22.28 4.35
CA ILE A 841 -15.52 22.55 4.56
C ILE A 841 -16.37 21.34 4.21
N ILE A 842 -16.00 20.59 3.17
CA ILE A 842 -16.75 19.38 2.88
C ILE A 842 -16.51 18.33 3.96
N VAL A 843 -15.28 18.26 4.49
CA VAL A 843 -15.03 17.33 5.60
C VAL A 843 -15.91 17.68 6.79
N PHE A 844 -16.00 18.96 7.13
CA PHE A 844 -16.77 19.36 8.30
C PHE A 844 -18.27 19.19 8.08
N VAL A 845 -18.76 19.45 6.86
CA VAL A 845 -20.18 19.23 6.59
C VAL A 845 -20.51 17.75 6.67
N PHE A 846 -19.64 16.90 6.12
CA PHE A 846 -19.84 15.46 6.25
C PHE A 846 -19.86 15.05 7.72
N ALA A 847 -18.94 15.60 8.52
CA ALA A 847 -18.91 15.29 9.95
C ALA A 847 -20.21 15.70 10.63
N LEU A 848 -20.70 16.89 10.32
CA LEU A 848 -21.94 17.37 10.95
C LEU A 848 -23.11 16.47 10.60
N VAL A 849 -23.30 16.19 9.31
CA VAL A 849 -24.42 15.36 8.90
C VAL A 849 -24.30 13.96 9.48
N GLY A 850 -23.09 13.39 9.45
CA GLY A 850 -22.89 12.06 9.99
C GLY A 850 -23.19 11.97 11.46
N LYS A 851 -22.68 12.93 12.25
CA LYS A 851 -22.96 12.92 13.68
C LYS A 851 -24.46 13.05 13.93
N GLN A 852 -25.09 14.06 13.34
CA GLN A 852 -26.51 14.30 13.57
C GLN A 852 -27.36 13.11 13.14
N LEU A 853 -26.89 12.30 12.18
CA LEU A 853 -27.71 11.19 11.70
C LEU A 853 -27.42 9.87 12.40
N LEU A 854 -26.20 9.66 12.92
CA LEU A 854 -25.82 8.35 13.39
C LEU A 854 -25.19 8.30 14.77
N GLY A 855 -25.01 9.43 15.46
CA GLY A 855 -24.38 9.38 16.77
C GLY A 855 -25.24 8.68 17.80
N GLU A 856 -26.56 8.93 17.76
CA GLU A 856 -27.46 8.27 18.69
C GLU A 856 -27.46 6.76 18.48
N ASN A 857 -27.47 6.30 17.22
CA ASN A 857 -27.41 4.88 16.94
C ASN A 857 -26.08 4.28 17.40
N TYR A 858 -24.98 5.00 17.15
CA TYR A 858 -23.68 4.54 17.61
C TYR A 858 -23.65 4.37 19.13
N ARG A 859 -24.25 5.31 19.85
CA ARG A 859 -24.26 5.22 21.31
C ARG A 859 -25.18 4.10 21.79
N ASN A 860 -26.39 4.00 21.23
CA ASN A 860 -27.35 3.01 21.68
C ASN A 860 -26.87 1.60 21.42
N ASN A 861 -26.47 1.31 20.17
CA ASN A 861 -26.11 -0.05 19.76
C ASN A 861 -24.61 -0.26 19.70
N ARG A 862 -23.84 0.42 20.56
CA ARG A 862 -22.40 0.23 20.58
C ARG A 862 -22.02 -1.18 21.00
N LYS A 863 -22.94 -1.90 21.64
CA LYS A 863 -22.68 -3.26 22.08
C LYS A 863 -22.44 -4.19 20.89
N ASN A 864 -23.11 -3.93 19.77
CA ASN A 864 -22.95 -4.80 18.60
C ASN A 864 -21.61 -4.58 17.89
N ILE A 865 -21.12 -3.33 17.86
CA ILE A 865 -19.94 -2.99 17.09
C ILE A 865 -18.72 -2.74 17.95
N SER A 866 -18.78 -3.05 19.24
CA SER A 866 -17.64 -2.89 20.11
C SER A 866 -16.80 -4.15 20.15
N ALA A 867 -15.56 -4.02 20.59
CA ALA A 867 -14.74 -5.17 20.90
C ALA A 867 -15.31 -5.86 22.12
N PRO A 868 -14.98 -7.15 22.32
CA PRO A 868 -15.63 -7.88 23.42
C PRO A 868 -15.44 -7.25 24.79
N HIS A 869 -14.32 -6.56 25.02
CA HIS A 869 -14.01 -6.01 26.33
C HIS A 869 -14.19 -4.50 26.42
N GLU A 870 -14.71 -3.85 25.38
CA GLU A 870 -14.89 -2.41 25.38
C GLU A 870 -16.38 -2.08 25.36
N ASP A 871 -16.76 -1.04 26.13
CA ASP A 871 -18.13 -0.55 26.08
C ASP A 871 -18.41 0.27 24.83
N TRP A 872 -17.38 0.78 24.17
CA TRP A 872 -17.51 1.62 23.00
C TRP A 872 -16.65 1.10 21.87
N PRO A 873 -17.04 1.35 20.62
CA PRO A 873 -16.12 1.12 19.50
C PRO A 873 -15.04 2.17 19.44
N ARG A 874 -13.89 1.78 18.89
CA ARG A 874 -12.79 2.73 18.74
C ARG A 874 -13.18 3.88 17.83
N TRP A 875 -13.87 3.60 16.75
CA TRP A 875 -14.25 4.59 15.75
C TRP A 875 -15.76 4.70 15.74
N HIS A 876 -16.25 5.79 16.31
CA HIS A 876 -17.71 6.06 16.36
C HIS A 876 -17.98 7.41 15.72
N MET A 877 -19.22 7.89 15.78
CA MET A 877 -19.62 9.20 15.24
C MET A 877 -20.48 9.87 16.31
N HIS A 878 -20.27 9.49 17.58
CA HIS A 878 -21.05 9.99 18.74
C HIS A 878 -20.89 11.50 18.91
N ASP A 879 -19.64 11.98 18.99
CA ASP A 879 -19.29 13.41 19.15
C ASP A 879 -19.21 14.06 17.78
N PHE A 880 -18.68 15.29 17.67
CA PHE A 880 -18.43 15.95 16.37
C PHE A 880 -17.01 15.71 16.03
N PHE A 881 -16.17 15.47 17.02
CA PHE A 881 -14.77 15.11 16.81
C PHE A 881 -14.65 13.74 16.16
N HIS A 882 -15.45 12.78 16.64
CA HIS A 882 -15.34 11.42 16.11
C HIS A 882 -15.94 11.30 14.73
N SER A 883 -16.99 12.06 14.42
CA SER A 883 -17.51 12.09 13.06
C SER A 883 -16.52 12.73 12.10
N PHE A 884 -15.90 13.84 12.49
CA PHE A 884 -14.82 14.39 11.69
C PHE A 884 -13.72 13.35 11.48
N LEU A 885 -13.42 12.58 12.52
CA LEU A 885 -12.35 11.59 12.44
C LEU A 885 -12.69 10.48 11.45
N ILE A 886 -13.93 9.99 11.46
CA ILE A 886 -14.30 8.97 10.48
C ILE A 886 -14.32 9.54 9.07
N VAL A 887 -14.72 10.81 8.91
CA VAL A 887 -14.64 11.41 7.58
C VAL A 887 -13.18 11.51 7.13
N PHE A 888 -12.29 11.88 8.05
CA PHE A 888 -10.87 11.92 7.72
C PHE A 888 -10.35 10.55 7.34
N ARG A 889 -10.78 9.50 8.06
CA ARG A 889 -10.38 8.15 7.71
C ARG A 889 -10.89 7.75 6.33
N ILE A 890 -12.13 8.13 6.01
CA ILE A 890 -12.69 7.85 4.69
C ILE A 890 -11.84 8.50 3.61
N LEU A 891 -11.53 9.79 3.78
CA LEU A 891 -10.68 10.49 2.81
C LEU A 891 -9.27 9.92 2.77
N CYS A 892 -8.80 9.31 3.84
CA CYS A 892 -7.55 8.57 3.86
C CYS A 892 -7.68 7.22 3.15
N GLY A 893 -8.90 6.73 2.96
CA GLY A 893 -9.11 5.53 2.18
C GLY A 893 -9.34 4.27 2.98
N GLU A 894 -10.10 4.40 4.08
CA GLU A 894 -10.52 3.27 4.91
C GLU A 894 -11.99 3.51 5.26
N TRP A 895 -12.89 2.87 4.50
CA TRP A 895 -14.31 3.06 4.70
C TRP A 895 -15.13 1.79 4.84
N ILE A 896 -14.58 0.62 4.51
CA ILE A 896 -15.40 -0.60 4.51
C ILE A 896 -15.74 -1.02 5.93
N GLU A 897 -14.74 -1.02 6.83
CA GLU A 897 -14.98 -1.49 8.19
C GLU A 897 -15.92 -0.57 8.94
N ASN A 898 -15.68 0.74 8.84
CA ASN A 898 -16.59 1.70 9.44
C ASN A 898 -17.96 1.65 8.80
N MET A 899 -18.04 1.36 7.51
CA MET A 899 -19.33 1.16 6.86
C MET A 899 -20.05 -0.07 7.39
N TRP A 900 -19.32 -1.15 7.65
CA TRP A 900 -19.92 -2.34 8.26
C TRP A 900 -20.50 -2.01 9.62
N ALA A 901 -19.71 -1.36 10.48
CA ALA A 901 -20.18 -1.01 11.81
C ALA A 901 -21.37 -0.05 11.75
N CYS A 902 -21.28 0.92 10.86
CA CYS A 902 -22.32 1.98 10.68
C CYS A 902 -23.60 1.41 10.08
N MET A 903 -23.51 0.38 9.25
CA MET A 903 -24.68 -0.33 8.73
C MET A 903 -25.28 -1.22 9.81
N GLU A 904 -24.44 -1.82 10.65
CA GLU A 904 -24.95 -2.64 11.75
C GLU A 904 -25.75 -1.80 12.74
N VAL A 905 -25.24 -0.63 13.11
CA VAL A 905 -25.92 0.14 14.17
C VAL A 905 -27.06 0.97 13.61
N GLY A 906 -26.81 1.73 12.54
CA GLY A 906 -27.79 2.64 12.00
C GLY A 906 -28.45 2.12 10.73
N GLN A 907 -29.35 2.94 10.19
CA GLN A 907 -30.09 2.59 8.98
C GLN A 907 -29.12 2.31 7.84
N LYS A 908 -29.33 1.20 7.15
CA LYS A 908 -28.37 0.74 6.15
C LYS A 908 -28.37 1.63 4.91
N SER A 909 -29.53 2.10 4.48
CA SER A 909 -29.59 2.98 3.31
C SER A 909 -28.94 4.32 3.59
N ILE A 910 -29.23 4.91 4.76
CA ILE A 910 -28.59 6.17 5.13
C ILE A 910 -27.10 5.97 5.29
N CYS A 911 -26.69 4.86 5.92
CA CYS A 911 -25.28 4.58 6.09
C CYS A 911 -24.58 4.38 4.74
N LEU A 912 -25.24 3.67 3.82
CA LEU A 912 -24.65 3.42 2.51
C LEU A 912 -24.43 4.72 1.74
N ILE A 913 -25.43 5.61 1.77
CA ILE A 913 -25.33 6.85 1.01
C ILE A 913 -24.19 7.71 1.53
N LEU A 914 -24.07 7.87 2.85
CA LEU A 914 -23.08 8.77 3.41
C LEU A 914 -21.67 8.29 3.13
N PHE A 915 -21.41 7.00 3.36
CA PHE A 915 -20.04 6.50 3.29
C PHE A 915 -19.49 6.53 1.87
N LEU A 916 -20.34 6.20 0.88
CA LEU A 916 -19.90 6.24 -0.50
C LEU A 916 -19.79 7.69 -1.01
N THR A 917 -20.75 8.53 -0.63
CA THR A 917 -20.73 9.93 -1.08
C THR A 917 -19.48 10.63 -0.57
N VAL A 918 -19.12 10.41 0.70
CA VAL A 918 -17.90 10.99 1.23
C VAL A 918 -16.68 10.39 0.54
N MET A 919 -16.74 9.09 0.22
CA MET A 919 -15.63 8.45 -0.45
C MET A 919 -15.49 8.91 -1.89
N VAL A 920 -16.61 9.18 -2.57
CA VAL A 920 -16.59 9.58 -3.97
C VAL A 920 -16.20 11.04 -4.08
N LEU A 921 -16.94 11.91 -3.40
CA LEU A 921 -16.67 13.34 -3.46
C LEU A 921 -15.37 13.68 -2.74
N GLY A 922 -15.13 13.08 -1.59
CA GLY A 922 -13.97 13.44 -0.78
C GLY A 922 -12.66 13.06 -1.42
N ASN A 923 -12.60 11.88 -2.04
CA ASN A 923 -11.34 11.43 -2.62
C ASN A 923 -11.00 12.20 -3.91
N LEU A 924 -12.02 12.55 -4.69
CA LEU A 924 -11.77 13.25 -5.94
C LEU A 924 -11.24 14.66 -5.69
N VAL A 925 -11.81 15.38 -4.71
CA VAL A 925 -11.37 16.74 -4.45
C VAL A 925 -9.96 16.74 -3.85
N VAL A 926 -9.61 15.70 -3.10
CA VAL A 926 -8.24 15.57 -2.61
C VAL A 926 -7.28 15.40 -3.78
N LEU A 927 -7.63 14.51 -4.71
CA LEU A 927 -6.81 14.33 -5.90
C LEU A 927 -6.80 15.58 -6.77
N ASN A 928 -7.97 16.22 -6.91
CA ASN A 928 -8.06 17.44 -7.72
C ASN A 928 -7.18 18.56 -7.15
N LEU A 929 -7.20 18.74 -5.83
CA LEU A 929 -6.33 19.73 -5.22
C LEU A 929 -4.87 19.27 -5.26
N PHE A 930 -4.64 17.96 -5.20
CA PHE A 930 -3.30 17.43 -5.36
C PHE A 930 -2.73 17.77 -6.74
N ILE A 931 -3.55 17.63 -7.78
CA ILE A 931 -3.11 17.93 -9.13
C ILE A 931 -2.97 19.43 -9.32
N ALA A 932 -3.92 20.21 -8.80
CA ALA A 932 -3.84 21.66 -8.92
C ALA A 932 -2.59 22.19 -8.25
N LEU A 933 -2.27 21.68 -7.06
CA LEU A 933 -1.03 22.03 -6.40
C LEU A 933 0.18 21.50 -7.15
N LEU A 934 0.01 20.47 -7.96
CA LEU A 934 1.13 19.91 -8.70
C LEU A 934 1.46 20.71 -9.98
N LEU A 935 0.61 21.67 -10.35
CA LEU A 935 0.86 22.48 -11.54
C LEU A 935 1.06 23.95 -11.23
N ASN A 936 0.37 24.48 -10.23
CA ASN A 936 0.54 25.86 -9.81
C ASN A 936 1.71 26.05 -8.86
N SER A 937 2.39 24.97 -8.50
CA SER A 937 3.56 25.05 -7.65
C SER A 937 4.77 24.31 -8.22
N PHE A 938 4.65 23.69 -9.39
CA PHE A 938 5.76 22.99 -10.01
C PHE A 938 6.04 23.38 -11.45
N SER A 939 5.02 23.79 -12.21
CA SER A 939 5.21 24.21 -13.59
C SER A 939 5.47 25.71 -13.73
N ALA A 940 5.53 26.44 -12.61
CA ALA A 940 5.80 27.87 -12.64
C ALA A 940 6.83 28.25 -11.59
N ASP A 1181 50.63 -11.37 -30.82
CA ASP A 1181 51.19 -12.51 -30.11
C ASP A 1181 50.12 -13.56 -29.83
N VAL A 1182 50.53 -14.64 -29.14
CA VAL A 1182 49.57 -15.68 -28.77
C VAL A 1182 48.55 -15.13 -27.78
N GLY A 1183 48.99 -14.22 -26.90
CA GLY A 1183 48.05 -13.61 -25.97
C GLY A 1183 46.95 -12.83 -26.67
N TRP A 1184 47.31 -12.08 -27.71
CA TRP A 1184 46.29 -11.36 -28.48
C TRP A 1184 45.40 -12.32 -29.27
N GLN A 1185 45.96 -13.45 -29.73
CA GLN A 1185 45.14 -14.45 -30.40
C GLN A 1185 44.09 -15.01 -29.45
N VAL A 1186 44.50 -15.34 -28.21
CA VAL A 1186 43.55 -15.81 -27.22
C VAL A 1186 42.55 -14.72 -26.86
N ARG A 1187 43.00 -13.47 -26.84
CA ARG A 1187 42.10 -12.35 -26.57
C ARG A 1187 41.03 -12.24 -27.64
N LYS A 1188 41.41 -12.37 -28.90
CA LYS A 1188 40.43 -12.32 -29.99
C LYS A 1188 39.50 -13.53 -29.96
N THR A 1189 40.03 -14.70 -29.59
CA THR A 1189 39.20 -15.89 -29.46
C THR A 1189 38.14 -15.68 -28.38
N CYS A 1190 38.55 -15.13 -27.23
CA CYS A 1190 37.58 -14.83 -26.19
C CYS A 1190 36.59 -13.76 -26.64
N TYR A 1191 37.07 -12.76 -27.37
CA TYR A 1191 36.19 -11.73 -27.93
C TYR A 1191 35.08 -12.36 -28.75
N ARG A 1192 35.45 -13.21 -29.72
CA ARG A 1192 34.46 -13.80 -30.60
C ARG A 1192 33.56 -14.76 -29.84
N ILE A 1193 34.10 -15.48 -28.86
CA ILE A 1193 33.28 -16.42 -28.08
C ILE A 1193 32.21 -15.64 -27.30
N VAL A 1194 32.61 -14.57 -26.63
CA VAL A 1194 31.66 -13.85 -25.78
C VAL A 1194 30.75 -12.92 -26.57
N GLU A 1195 31.10 -12.59 -27.81
CA GLU A 1195 30.23 -11.77 -28.64
C GLU A 1195 29.36 -12.60 -29.58
N HIS A 1196 29.42 -13.93 -29.47
CA HIS A 1196 28.62 -14.80 -30.33
C HIS A 1196 27.16 -14.75 -29.92
N SER A 1197 26.30 -15.22 -30.83
CA SER A 1197 24.87 -15.26 -30.57
C SER A 1197 24.44 -16.45 -29.73
N TRP A 1198 25.29 -17.48 -29.59
CA TRP A 1198 25.00 -18.61 -28.74
C TRP A 1198 25.63 -18.49 -27.35
N PHE A 1199 26.19 -17.33 -27.03
CA PHE A 1199 26.71 -17.04 -25.71
C PHE A 1199 25.88 -16.00 -24.96
N GLU A 1200 24.88 -15.41 -25.62
CA GLU A 1200 23.95 -14.48 -24.99
C GLU A 1200 22.66 -15.17 -24.57
N SER A 1201 22.07 -15.94 -25.48
CA SER A 1201 20.83 -16.69 -25.20
C SER A 1201 21.13 -17.79 -24.17
N PHE A 1202 22.33 -18.37 -24.19
CA PHE A 1202 22.72 -19.37 -23.21
C PHE A 1202 22.87 -18.75 -21.82
N ILE A 1203 23.50 -17.57 -21.74
CA ILE A 1203 23.67 -16.92 -20.44
C ILE A 1203 22.35 -16.44 -19.88
N ILE A 1204 21.46 -15.93 -20.74
CA ILE A 1204 20.14 -15.52 -20.26
C ILE A 1204 19.36 -16.71 -19.73
N PHE A 1205 19.43 -17.84 -20.45
CA PHE A 1205 18.77 -19.06 -20.00
C PHE A 1205 19.33 -19.54 -18.66
N MET A 1206 20.66 -19.50 -18.52
CA MET A 1206 21.27 -19.90 -17.26
C MET A 1206 20.89 -18.96 -16.12
N ILE A 1207 20.80 -17.66 -16.40
CA ILE A 1207 20.40 -16.69 -15.38
C ILE A 1207 18.96 -16.96 -14.93
N LEU A 1208 18.09 -17.25 -15.90
CA LEU A 1208 16.67 -17.52 -15.61
C LEU A 1208 16.48 -18.89 -14.94
N LEU A 1209 17.48 -19.78 -15.00
CA LEU A 1209 17.44 -21.10 -14.33
C LEU A 1209 18.16 -21.00 -13.00
N SER A 1210 18.90 -19.90 -12.75
CA SER A 1210 19.49 -19.66 -11.41
C SER A 1210 18.42 -18.91 -10.62
N SER A 1211 17.64 -18.05 -11.27
CA SER A 1211 16.47 -17.45 -10.62
C SER A 1211 15.52 -18.53 -10.13
N GLY A 1212 14.95 -19.29 -11.06
CA GLY A 1212 13.95 -20.28 -10.68
C GLY A 1212 14.44 -21.30 -9.67
N SER A 1213 15.74 -21.56 -9.65
CA SER A 1213 16.30 -22.51 -8.69
C SER A 1213 16.25 -21.98 -7.26
N LEU A 1214 16.16 -20.66 -7.08
CA LEU A 1214 16.08 -20.10 -5.74
C LEU A 1214 14.71 -20.30 -5.12
N ALA A 1215 13.66 -20.35 -5.94
CA ALA A 1215 12.30 -20.49 -5.43
C ALA A 1215 12.09 -21.81 -4.70
N PHE A 1216 12.88 -22.83 -5.00
CA PHE A 1216 12.67 -24.16 -4.43
C PHE A 1216 13.39 -24.36 -3.11
N GLU A 1217 14.21 -23.40 -2.67
CA GLU A 1217 14.91 -23.52 -1.39
C GLU A 1217 14.05 -22.87 -0.31
N ASP A 1218 13.09 -23.65 0.18
CA ASP A 1218 12.09 -23.18 1.13
C ASP A 1218 12.19 -23.96 2.43
N TYR A 1219 11.21 -23.74 3.31
CA TYR A 1219 11.16 -24.49 4.57
C TYR A 1219 10.97 -25.98 4.32
N TYR A 1220 10.16 -26.32 3.33
CA TYR A 1220 9.90 -27.72 2.99
C TYR A 1220 11.07 -28.40 2.30
N LEU A 1221 12.11 -27.64 1.95
CA LEU A 1221 13.29 -28.25 1.32
C LEU A 1221 13.92 -29.29 2.23
N ASP A 1222 13.78 -29.13 3.55
CA ASP A 1222 14.21 -30.19 4.47
C ASP A 1222 13.39 -31.45 4.27
N GLN A 1223 12.08 -31.29 4.03
CA GLN A 1223 11.22 -32.45 3.78
C GLN A 1223 11.46 -33.07 2.41
N LYS A 1224 11.99 -32.31 1.46
CA LYS A 1224 12.36 -32.86 0.16
C LYS A 1224 13.87 -33.14 0.13
N PRO A 1225 14.30 -34.37 0.43
CA PRO A 1225 15.73 -34.63 0.62
C PRO A 1225 16.56 -34.58 -0.65
N THR A 1226 16.10 -35.21 -1.73
CA THR A 1226 16.89 -35.24 -2.96
C THR A 1226 16.88 -33.89 -3.64
N VAL A 1227 15.81 -33.11 -3.46
CA VAL A 1227 15.73 -31.78 -4.04
C VAL A 1227 16.81 -30.89 -3.46
N LYS A 1228 17.17 -31.10 -2.19
CA LYS A 1228 18.25 -30.32 -1.57
C LYS A 1228 19.57 -30.52 -2.30
N ALA A 1229 19.95 -31.79 -2.52
CA ALA A 1229 21.19 -32.07 -3.23
C ALA A 1229 21.13 -31.58 -4.67
N LEU A 1230 19.98 -31.76 -5.33
CA LEU A 1230 19.83 -31.28 -6.70
C LEU A 1230 20.06 -29.78 -6.77
N LEU A 1231 19.40 -29.02 -5.90
CA LEU A 1231 19.52 -27.56 -5.91
C LEU A 1231 20.94 -27.13 -5.55
N GLU A 1232 21.54 -27.87 -4.61
CA GLU A 1232 22.91 -27.58 -4.11
C GLU A 1232 23.95 -27.72 -5.22
N TYR A 1233 23.73 -28.64 -6.18
CA TYR A 1233 24.72 -28.89 -7.24
C TYR A 1233 24.32 -28.13 -8.49
N THR A 1234 23.09 -27.62 -8.58
CA THR A 1234 22.67 -26.78 -9.72
C THR A 1234 23.12 -25.38 -9.38
N ASP A 1235 23.23 -25.01 -8.10
CA ASP A 1235 23.78 -23.74 -7.69
C ASP A 1235 25.29 -23.72 -7.80
N ARG A 1236 25.96 -24.81 -7.38
CA ARG A 1236 27.40 -24.88 -7.49
C ARG A 1236 27.86 -24.77 -8.93
N VAL A 1237 27.24 -25.53 -9.83
CA VAL A 1237 27.67 -25.51 -11.22
C VAL A 1237 27.33 -24.17 -11.86
N PHE A 1238 26.19 -23.58 -11.50
CA PHE A 1238 25.83 -22.27 -12.06
C PHE A 1238 26.81 -21.20 -11.63
N THR A 1239 27.20 -21.20 -10.36
CA THR A 1239 28.16 -20.20 -9.88
C THR A 1239 29.52 -20.42 -10.52
N PHE A 1240 29.94 -21.68 -10.67
CA PHE A 1240 31.22 -21.95 -11.33
C PHE A 1240 31.22 -21.48 -12.77
N ILE A 1241 30.12 -21.73 -13.49
CA ILE A 1241 30.04 -21.29 -14.89
C ILE A 1241 29.98 -19.77 -14.98
N PHE A 1242 29.30 -19.12 -14.05
CA PHE A 1242 29.29 -17.65 -14.04
C PHE A 1242 30.69 -17.10 -13.77
N VAL A 1243 31.42 -17.72 -12.84
CA VAL A 1243 32.79 -17.28 -12.55
C VAL A 1243 33.67 -17.46 -13.78
N PHE A 1244 33.55 -18.59 -14.47
CA PHE A 1244 34.32 -18.80 -15.69
C PHE A 1244 33.91 -17.85 -16.82
N GLU A 1245 32.62 -17.53 -16.95
CA GLU A 1245 32.18 -16.53 -17.90
C GLU A 1245 32.74 -15.14 -17.60
N MET A 1246 32.79 -14.76 -16.33
CA MET A 1246 33.43 -13.52 -15.90
C MET A 1246 34.92 -13.50 -16.19
N LEU A 1247 35.61 -14.62 -15.94
CA LEU A 1247 37.03 -14.71 -16.27
C LEU A 1247 37.25 -14.60 -17.78
N LEU A 1248 36.34 -15.20 -18.57
CA LEU A 1248 36.44 -15.08 -20.01
C LEU A 1248 36.29 -13.63 -20.46
N LYS A 1249 35.34 -12.90 -19.85
CA LYS A 1249 35.18 -11.49 -20.18
C LYS A 1249 36.41 -10.68 -19.76
N TRP A 1250 37.00 -11.01 -18.61
CA TRP A 1250 38.22 -10.35 -18.17
C TRP A 1250 39.35 -10.58 -19.16
N VAL A 1251 39.49 -11.82 -19.66
CA VAL A 1251 40.55 -12.10 -20.64
C VAL A 1251 40.27 -11.35 -21.94
N ALA A 1252 39.02 -11.38 -22.40
CA ALA A 1252 38.66 -10.74 -23.67
C ALA A 1252 38.84 -9.23 -23.63
N TYR A 1253 38.07 -8.54 -22.80
CA TYR A 1253 38.10 -7.09 -22.74
C TYR A 1253 39.11 -6.62 -21.69
N GLY A 1254 39.17 -5.31 -21.52
CA GLY A 1254 40.08 -4.74 -20.55
C GLY A 1254 39.47 -4.59 -19.17
N PHE A 1255 40.36 -4.52 -18.17
CA PHE A 1255 39.90 -4.30 -16.80
C PHE A 1255 39.20 -2.95 -16.67
N LYS A 1256 39.71 -1.93 -17.35
CA LYS A 1256 39.06 -0.62 -17.33
C LYS A 1256 37.68 -0.69 -17.97
N LYS A 1257 37.58 -1.39 -19.11
CA LYS A 1257 36.28 -1.52 -19.77
C LYS A 1257 35.29 -2.24 -18.87
N TYR A 1258 35.76 -3.26 -18.16
CA TYR A 1258 34.93 -3.91 -17.14
C TYR A 1258 34.50 -2.93 -16.06
N PHE A 1259 35.44 -2.17 -15.51
CA PHE A 1259 35.17 -1.44 -14.27
C PHE A 1259 34.47 -0.10 -14.48
N THR A 1260 34.38 0.40 -15.71
CA THR A 1260 33.64 1.63 -15.97
C THR A 1260 32.21 1.40 -16.45
N ASN A 1261 31.66 0.20 -16.31
CA ASN A 1261 30.28 -0.05 -16.69
C ASN A 1261 29.37 -0.04 -15.45
N ALA A 1262 28.12 0.36 -15.67
CA ALA A 1262 27.14 0.43 -14.60
C ALA A 1262 26.41 -0.89 -14.36
N TRP A 1263 26.68 -1.92 -15.17
CA TRP A 1263 26.05 -3.22 -15.04
C TRP A 1263 27.01 -4.35 -14.74
N CYS A 1264 28.14 -4.41 -15.43
CA CYS A 1264 29.10 -5.47 -15.21
C CYS A 1264 29.67 -5.43 -13.80
N TRP A 1265 29.66 -4.25 -13.15
CA TRP A 1265 29.93 -4.13 -11.72
C TRP A 1265 28.89 -4.85 -10.87
N LEU A 1266 27.60 -4.67 -11.20
CA LEU A 1266 26.46 -5.32 -10.49
C LEU A 1266 26.69 -6.82 -10.49
N ASP A 1267 27.10 -7.37 -11.63
CA ASP A 1267 27.30 -8.83 -11.78
C ASP A 1267 28.69 -9.17 -11.26
N PHE A 1268 29.55 -8.18 -11.04
CA PHE A 1268 30.86 -8.45 -10.41
C PHE A 1268 30.54 -8.72 -8.96
N LEU A 1269 29.57 -7.98 -8.42
CA LEU A 1269 29.19 -8.07 -7.01
C LEU A 1269 28.41 -9.36 -6.73
N ILE A 1270 27.51 -9.74 -7.64
CA ILE A 1270 26.76 -10.98 -7.45
C ILE A 1270 27.70 -12.18 -7.50
N VAL A 1271 28.62 -12.19 -8.46
CA VAL A 1271 29.63 -13.25 -8.53
C VAL A 1271 30.43 -13.30 -7.23
N ASN A 1272 30.80 -12.14 -6.71
CA ASN A 1272 31.60 -12.10 -5.49
C ASN A 1272 30.86 -12.70 -4.30
N ILE A 1273 29.59 -12.32 -4.12
CA ILE A 1273 28.86 -12.83 -2.97
C ILE A 1273 28.63 -14.34 -3.10
N SER A 1274 28.28 -14.81 -4.30
CA SER A 1274 28.10 -16.24 -4.49
C SER A 1274 29.42 -17.00 -4.27
N LEU A 1275 30.53 -16.43 -4.75
CA LEU A 1275 31.84 -17.12 -4.69
C LEU A 1275 32.38 -17.12 -3.26
N ILE A 1276 32.10 -16.09 -2.45
CA ILE A 1276 32.50 -16.11 -1.04
C ILE A 1276 31.58 -17.05 -0.26
N SER A 1277 30.30 -17.13 -0.62
CA SER A 1277 29.42 -18.09 0.03
C SER A 1277 29.91 -19.52 -0.16
N LEU A 1278 30.20 -19.89 -1.42
CA LEU A 1278 30.66 -21.25 -1.67
C LEU A 1278 32.02 -21.52 -1.06
N THR A 1279 32.91 -20.52 -1.05
CA THR A 1279 34.22 -20.68 -0.45
C THR A 1279 34.11 -20.89 1.06
N ALA A 1280 33.21 -20.14 1.71
CA ALA A 1280 32.98 -20.34 3.13
C ALA A 1280 32.39 -21.72 3.40
N LYS A 1281 31.47 -22.18 2.55
CA LYS A 1281 30.91 -23.52 2.72
C LYS A 1281 31.99 -24.59 2.60
N ILE A 1282 32.88 -24.46 1.62
CA ILE A 1282 33.96 -25.42 1.45
C ILE A 1282 34.92 -25.37 2.64
N LEU A 1283 35.30 -24.17 3.04
CA LEU A 1283 36.26 -23.98 4.13
C LEU A 1283 35.53 -24.05 5.47
N GLU A 1284 36.26 -23.78 6.55
CA GLU A 1284 35.65 -23.72 7.87
C GLU A 1284 34.88 -22.41 8.05
N TYR A 1285 34.39 -22.20 9.27
CA TYR A 1285 33.55 -21.06 9.65
C TYR A 1285 32.26 -20.98 8.86
N SER A 1286 31.84 -22.06 8.20
CA SER A 1286 30.65 -22.02 7.36
C SER A 1286 29.38 -21.81 8.17
N GLU A 1287 29.41 -22.08 9.47
CA GLU A 1287 28.23 -22.02 10.31
C GLU A 1287 28.19 -20.77 11.18
N VAL A 1288 29.06 -19.79 10.94
CA VAL A 1288 29.10 -18.59 11.77
C VAL A 1288 28.11 -17.56 11.23
N ALA A 1289 27.67 -16.66 12.11
CA ALA A 1289 26.67 -15.66 11.75
C ALA A 1289 27.06 -14.77 10.58
N PRO A 1290 28.31 -14.27 10.47
CA PRO A 1290 28.65 -13.53 9.25
C PRO A 1290 28.47 -14.34 7.98
N ILE A 1291 28.85 -15.62 7.99
CA ILE A 1291 28.69 -16.44 6.79
C ILE A 1291 27.22 -16.69 6.50
N LYS A 1292 26.39 -16.85 7.53
CA LYS A 1292 24.95 -16.92 7.32
C LYS A 1292 24.44 -15.63 6.68
N ALA A 1293 24.95 -14.48 7.13
CA ALA A 1293 24.52 -13.21 6.57
C ALA A 1293 24.89 -13.10 5.09
N LEU A 1294 26.08 -13.61 4.76
CA LEU A 1294 26.57 -13.60 3.35
C LEU A 1294 25.69 -14.52 2.51
N ARG A 1295 25.32 -15.69 3.05
CA ARG A 1295 24.53 -16.65 2.31
C ARG A 1295 23.07 -16.22 2.17
N THR A 1296 22.58 -15.36 3.05
CA THR A 1296 21.24 -14.81 2.84
C THR A 1296 21.18 -13.88 1.64
N LEU A 1297 22.33 -13.39 1.17
CA LEU A 1297 22.36 -12.44 0.05
C LEU A 1297 22.19 -13.12 -1.31
N ARG A 1298 22.01 -14.44 -1.35
CA ARG A 1298 21.83 -15.13 -2.62
C ARG A 1298 20.51 -14.78 -3.29
N ALA A 1299 19.61 -14.07 -2.61
CA ALA A 1299 18.33 -13.72 -3.20
C ALA A 1299 18.43 -12.61 -4.23
N LEU A 1300 19.55 -11.88 -4.28
CA LEU A 1300 19.74 -10.82 -5.27
C LEU A 1300 20.50 -11.30 -6.50
N ARG A 1301 20.77 -12.60 -6.61
CA ARG A 1301 21.28 -13.17 -7.86
C ARG A 1301 20.40 -12.86 -9.07
N PRO A 1302 19.04 -12.87 -8.98
CA PRO A 1302 18.23 -12.51 -10.15
C PRO A 1302 18.50 -11.13 -10.73
N LEU A 1303 19.38 -10.34 -10.11
CA LEU A 1303 19.72 -9.03 -10.65
C LEU A 1303 20.57 -9.12 -11.91
N ARG A 1304 21.06 -10.32 -12.26
CA ARG A 1304 21.79 -10.48 -13.52
C ARG A 1304 20.85 -10.37 -14.71
N ALA A 1305 19.62 -10.88 -14.58
CA ALA A 1305 18.61 -10.67 -15.61
C ALA A 1305 18.27 -9.19 -15.77
N LEU A 1306 18.57 -8.38 -14.75
CA LEU A 1306 18.38 -6.94 -14.89
C LEU A 1306 19.40 -6.34 -15.85
N SER A 1307 20.56 -6.98 -15.98
CA SER A 1307 21.63 -6.50 -16.85
C SER A 1307 21.57 -7.12 -18.24
N ARG A 1308 21.17 -8.37 -18.35
CA ARG A 1308 21.22 -9.09 -19.61
C ARG A 1308 19.96 -8.94 -20.47
N PHE A 1309 18.98 -8.19 -20.02
CA PHE A 1309 17.75 -7.95 -20.82
C PHE A 1309 17.75 -6.50 -21.13
N GLU A 1310 17.48 -6.10 -22.37
CA GLU A 1310 17.54 -4.70 -22.79
C GLU A 1310 16.45 -3.86 -22.15
N GLY A 1311 15.24 -4.40 -22.02
CA GLY A 1311 14.18 -3.67 -21.36
C GLY A 1311 14.49 -3.41 -19.90
N MET A 1312 15.07 -4.39 -19.21
CA MET A 1312 15.52 -4.18 -17.83
C MET A 1312 16.58 -3.09 -17.77
N ARG A 1313 17.55 -3.14 -18.67
CA ARG A 1313 18.58 -2.11 -18.72
C ARG A 1313 17.97 -0.73 -18.91
N VAL A 1314 17.01 -0.63 -19.82
CA VAL A 1314 16.39 0.65 -20.14
C VAL A 1314 15.62 1.19 -18.95
N VAL A 1315 14.83 0.33 -18.28
CA VAL A 1315 14.03 0.81 -17.16
C VAL A 1315 14.91 1.22 -16.00
N VAL A 1316 15.99 0.47 -15.74
CA VAL A 1316 16.86 0.83 -14.63
C VAL A 1316 17.62 2.11 -14.94
N ASP A 1317 18.07 2.28 -16.19
CA ASP A 1317 18.73 3.53 -16.55
C ASP A 1317 17.77 4.71 -16.44
N ALA A 1318 16.50 4.51 -16.80
CA ALA A 1318 15.51 5.57 -16.68
C ALA A 1318 15.30 5.96 -15.22
N LEU A 1319 15.20 4.97 -14.33
CA LEU A 1319 15.00 5.31 -12.93
C LEU A 1319 16.26 5.90 -12.30
N VAL A 1320 17.45 5.45 -12.73
CA VAL A 1320 18.70 5.99 -12.23
C VAL A 1320 18.92 7.43 -12.70
N GLY A 1321 18.41 7.78 -13.88
CA GLY A 1321 18.49 9.16 -14.32
C GLY A 1321 17.80 10.12 -13.36
N ALA A 1322 16.88 9.62 -12.56
CA ALA A 1322 16.18 10.43 -11.56
C ALA A 1322 16.69 10.20 -10.15
N ILE A 1323 17.85 9.53 -10.00
CA ILE A 1323 18.38 9.29 -8.66
C ILE A 1323 18.73 10.57 -7.90
N PRO A 1324 19.27 11.64 -8.52
CA PRO A 1324 19.54 12.83 -7.69
C PRO A 1324 18.28 13.49 -7.19
N SER A 1325 17.25 13.57 -8.04
CA SER A 1325 15.96 14.09 -7.59
C SER A 1325 15.36 13.22 -6.50
N ILE A 1326 15.45 11.90 -6.65
CA ILE A 1326 14.93 10.99 -5.63
C ILE A 1326 15.64 11.21 -4.31
N MET A 1327 16.97 11.33 -4.34
CA MET A 1327 17.73 11.54 -3.11
C MET A 1327 17.42 12.89 -2.47
N ASN A 1328 17.28 13.95 -3.27
CA ASN A 1328 16.94 15.25 -2.71
C ASN A 1328 15.58 15.21 -2.02
N VAL A 1329 14.58 14.60 -2.68
CA VAL A 1329 13.27 14.51 -2.06
C VAL A 1329 13.32 13.61 -0.83
N LEU A 1330 14.14 12.56 -0.86
CA LEU A 1330 14.29 11.72 0.33
C LEU A 1330 14.85 12.51 1.50
N LEU A 1331 15.87 13.33 1.26
CA LEU A 1331 16.45 14.12 2.33
C LEU A 1331 15.45 15.13 2.89
N VAL A 1332 14.73 15.83 2.00
CA VAL A 1332 13.80 16.84 2.49
C VAL A 1332 12.62 16.20 3.22
N CYS A 1333 12.14 15.06 2.71
CA CYS A 1333 11.05 14.35 3.40
C CYS A 1333 11.51 13.83 4.75
N LEU A 1334 12.67 13.20 4.77
CA LEU A 1334 13.22 12.62 6.01
C LEU A 1334 13.20 13.68 7.10
N ILE A 1335 13.83 14.83 6.92
CA ILE A 1335 13.92 15.89 7.97
C ILE A 1335 12.55 16.55 8.23
N PHE A 1336 11.66 16.72 7.26
CA PHE A 1336 10.31 17.25 7.57
C PHE A 1336 9.62 16.23 8.43
N TRP A 1337 9.92 14.93 8.27
CA TRP A 1337 9.37 13.91 9.14
C TRP A 1337 10.10 13.82 10.47
N LEU A 1338 11.34 14.30 10.55
CA LEU A 1338 12.05 14.33 11.84
C LEU A 1338 11.33 15.22 12.84
N ILE A 1339 10.73 16.31 12.36
CA ILE A 1339 10.00 17.21 13.26
C ILE A 1339 8.86 16.45 13.94
N PHE A 1340 8.09 15.70 13.15
CA PHE A 1340 6.98 14.93 13.71
C PHE A 1340 7.47 13.75 14.53
N SER A 1341 8.60 13.15 14.14
CA SER A 1341 9.17 12.07 14.95
C SER A 1341 9.50 12.56 16.34
N ILE A 1342 10.20 13.69 16.45
CA ILE A 1342 10.59 14.21 17.75
C ILE A 1342 9.35 14.68 18.53
N MET A 1343 8.41 15.32 17.84
CA MET A 1343 7.19 15.79 18.50
C MET A 1343 6.39 14.62 19.06
N GLY A 1344 6.23 13.55 18.27
CA GLY A 1344 5.54 12.37 18.75
C GLY A 1344 6.29 11.65 19.86
N VAL A 1345 7.63 11.65 19.80
CA VAL A 1345 8.41 11.05 20.87
C VAL A 1345 8.17 11.81 22.17
N ASN A 1346 8.19 13.14 22.11
CA ASN A 1346 7.92 13.94 23.30
C ASN A 1346 6.50 13.71 23.80
N LEU A 1347 5.57 13.48 22.89
CA LEU A 1347 4.17 13.30 23.30
C LEU A 1347 3.94 11.92 23.93
N PHE A 1348 4.54 10.87 23.38
CA PHE A 1348 4.11 9.50 23.69
C PHE A 1348 5.29 8.60 24.07
N ALA A 1349 6.41 9.16 24.50
CA ALA A 1349 7.58 8.36 24.77
C ALA A 1349 7.38 7.62 26.09
N GLY A 1350 7.31 6.30 26.03
CA GLY A 1350 7.14 5.46 27.20
C GLY A 1350 5.71 5.34 27.70
N LYS A 1351 4.76 5.99 27.03
CA LYS A 1351 3.36 5.97 27.47
C LYS A 1351 2.53 4.92 26.75
N PHE A 1352 3.19 3.98 26.08
CA PHE A 1352 2.44 2.98 25.28
C PHE A 1352 2.27 1.69 26.06
N TRP A 1353 3.23 1.33 26.90
CA TRP A 1353 3.14 0.08 27.59
C TRP A 1353 1.81 -0.13 28.29
N ARG A 1354 1.50 -1.39 28.59
CA ARG A 1354 0.21 -1.74 29.19
C ARG A 1354 0.24 -3.15 29.71
N CYS A 1355 -0.80 -3.54 30.44
CA CYS A 1355 -0.91 -4.92 30.97
C CYS A 1355 -1.97 -5.64 30.18
N ILE A 1356 -1.73 -6.90 29.86
CA ILE A 1356 -2.73 -7.67 29.18
C ILE A 1356 -2.86 -9.02 29.81
N ASN A 1357 -3.87 -9.78 29.42
CA ASN A 1357 -4.07 -11.16 29.87
C ASN A 1357 -3.84 -12.09 28.69
N TYR A 1358 -2.88 -13.00 28.84
CA TYR A 1358 -2.48 -13.92 27.77
C TYR A 1358 -3.10 -15.28 28.07
N THR A 1359 -4.26 -15.56 27.46
CA THR A 1359 -5.01 -16.78 27.76
C THR A 1359 -4.72 -17.90 26.75
N ASP A 1360 -5.10 -17.71 25.49
CA ASP A 1360 -5.05 -18.76 24.49
C ASP A 1360 -4.49 -18.21 23.19
N GLY A 1361 -3.42 -17.42 23.28
CA GLY A 1361 -2.95 -16.69 22.12
C GLY A 1361 -3.88 -15.55 21.81
N GLU A 1362 -4.73 -15.22 22.79
CA GLU A 1362 -5.68 -14.13 22.69
C GLU A 1362 -5.41 -13.17 23.84
N PHE A 1363 -5.07 -11.94 23.51
CA PHE A 1363 -4.62 -10.96 24.49
C PHE A 1363 -5.79 -10.10 24.92
N SER A 1364 -6.03 -10.05 26.23
CA SER A 1364 -7.12 -9.28 26.81
C SER A 1364 -6.55 -8.15 27.64
N LEU A 1365 -6.98 -6.92 27.36
CA LEU A 1365 -6.55 -5.76 28.14
C LEU A 1365 -7.24 -5.80 29.50
N VAL A 1366 -6.43 -5.92 30.56
CA VAL A 1366 -6.98 -6.01 31.91
C VAL A 1366 -7.77 -4.76 32.22
N PRO A 1367 -8.94 -4.87 32.86
CA PRO A 1367 -9.77 -3.68 33.08
C PRO A 1367 -9.19 -2.75 34.13
N LEU A 1368 -9.68 -1.50 34.11
CA LEU A 1368 -9.11 -0.47 34.97
C LEU A 1368 -9.35 -0.76 36.44
N SER A 1369 -10.46 -1.44 36.77
CA SER A 1369 -10.80 -1.66 38.16
C SER A 1369 -9.75 -2.50 38.88
N ILE A 1370 -9.25 -3.53 38.22
CA ILE A 1370 -8.26 -4.41 38.83
C ILE A 1370 -6.84 -3.92 38.63
N VAL A 1371 -6.53 -3.34 37.47
CA VAL A 1371 -5.18 -2.89 37.15
C VAL A 1371 -5.23 -1.41 36.76
N ASN A 1372 -4.33 -0.63 37.36
CA ASN A 1372 -4.14 0.76 36.99
C ASN A 1372 -2.69 1.10 36.71
N ASN A 1373 -1.75 0.22 37.05
CA ASN A 1373 -0.34 0.59 37.11
C ASN A 1373 0.50 -0.60 36.66
N LYS A 1374 1.77 -0.36 36.39
CA LYS A 1374 2.72 -1.46 36.07
C LYS A 1374 2.82 -2.26 37.36
N SER A 1375 2.72 -1.60 38.51
CA SER A 1375 2.79 -2.27 39.82
C SER A 1375 1.44 -2.92 40.15
N ASP A 1376 0.30 -2.40 39.73
CA ASP A 1376 -0.97 -3.07 39.95
C ASP A 1376 -1.01 -4.38 39.18
N CYS A 1377 -0.83 -4.30 37.88
CA CYS A 1377 -0.77 -5.47 37.06
C CYS A 1377 0.14 -6.54 37.64
N LYS A 1378 1.22 -6.20 38.30
CA LYS A 1378 2.05 -7.23 38.91
C LYS A 1378 1.51 -7.73 40.30
N ILE A 1379 0.92 -6.85 41.10
CA ILE A 1379 0.31 -7.32 42.36
C ILE A 1379 -0.99 -8.04 42.13
N GLN A 1380 -1.53 -8.02 40.91
CA GLN A 1380 -2.68 -8.83 40.53
C GLN A 1380 -2.29 -9.96 39.59
N ASN A 1381 -1.05 -10.42 39.70
CA ASN A 1381 -0.54 -11.53 38.88
C ASN A 1381 -0.76 -12.88 39.56
N SER A 1382 -2.00 -13.14 39.98
CA SER A 1382 -2.32 -14.43 40.57
C SER A 1382 -2.10 -15.55 39.55
N THR A 1383 -2.84 -15.52 38.45
CA THR A 1383 -2.56 -16.39 37.33
C THR A 1383 -1.32 -15.88 36.60
N GLY A 1384 -0.47 -16.80 36.15
CA GLY A 1384 0.73 -16.41 35.43
C GLY A 1384 0.42 -15.95 34.02
N SER A 1385 -0.51 -15.00 33.88
CA SER A 1385 -1.00 -14.58 32.58
C SER A 1385 -1.16 -13.08 32.45
N PHE A 1386 -0.69 -12.29 33.41
CA PHE A 1386 -0.72 -10.84 33.31
C PHE A 1386 0.64 -10.37 32.79
N PHE A 1387 0.62 -9.61 31.70
CA PHE A 1387 1.86 -9.27 31.00
C PHE A 1387 1.94 -7.76 30.78
N TRP A 1388 3.02 -7.15 31.23
CA TRP A 1388 3.28 -5.73 31.04
C TRP A 1388 4.10 -5.57 29.77
N VAL A 1389 3.43 -5.22 28.67
CA VAL A 1389 4.05 -5.23 27.35
C VAL A 1389 3.77 -3.91 26.64
N ASN A 1390 4.62 -3.61 25.67
CA ASN A 1390 4.58 -2.36 24.91
C ASN A 1390 3.96 -2.60 23.55
N VAL A 1391 3.30 -1.56 23.03
CA VAL A 1391 2.82 -1.59 21.66
C VAL A 1391 4.01 -1.64 20.72
N LYS A 1392 3.94 -2.54 19.73
CA LYS A 1392 5.12 -2.88 18.92
C LYS A 1392 5.58 -1.72 18.03
N VAL A 1393 4.71 -0.79 17.71
CA VAL A 1393 5.08 0.38 16.92
C VAL A 1393 4.85 1.61 17.81
N ASN A 1394 5.91 2.05 18.47
CA ASN A 1394 5.83 3.05 19.52
C ASN A 1394 6.66 4.28 19.15
N PHE A 1395 6.32 5.40 19.78
CA PHE A 1395 7.11 6.63 19.70
C PHE A 1395 8.14 6.70 20.83
N ASP A 1396 8.91 5.63 21.01
CA ASP A 1396 9.82 5.56 22.14
C ASP A 1396 11.24 5.97 21.79
N ASN A 1397 11.64 5.89 20.53
CA ASN A 1397 12.92 6.39 20.06
C ASN A 1397 12.67 7.17 18.78
N VAL A 1398 13.72 7.79 18.25
CA VAL A 1398 13.56 8.51 16.98
C VAL A 1398 13.35 7.52 15.84
N ALA A 1399 14.03 6.37 15.88
CA ALA A 1399 13.89 5.35 14.86
C ALA A 1399 12.51 4.69 14.91
N MET A 1400 12.07 4.31 16.11
CA MET A 1400 10.75 3.68 16.31
C MET A 1400 9.68 4.70 15.98
N GLY A 1401 9.99 5.96 16.24
CA GLY A 1401 9.06 7.04 15.94
C GLY A 1401 8.84 7.09 14.46
N TYR A 1402 9.90 6.94 13.65
CA TYR A 1402 9.81 7.05 12.17
C TYR A 1402 9.18 5.84 11.53
N LEU A 1403 9.38 4.64 12.08
CA LEU A 1403 8.68 3.43 11.60
C LEU A 1403 7.18 3.66 11.87
N ALA A 1404 6.82 4.40 12.93
CA ALA A 1404 5.44 4.70 13.32
C ALA A 1404 4.91 5.77 12.37
N LEU A 1405 5.75 6.75 11.98
CA LEU A 1405 5.35 7.78 11.03
C LEU A 1405 5.11 7.17 9.65
N LEU A 1406 5.98 6.24 9.25
CA LEU A 1406 5.80 5.55 7.98
C LEU A 1406 4.51 4.74 7.98
N GLN A 1407 4.20 4.06 9.08
CA GLN A 1407 2.95 3.30 9.16
C GLN A 1407 1.74 4.22 9.09
N VAL A 1408 1.83 5.40 9.73
CA VAL A 1408 0.70 6.33 9.70
C VAL A 1408 0.53 6.91 8.30
N ALA A 1409 1.64 7.17 7.59
CA ALA A 1409 1.54 7.70 6.24
C ALA A 1409 1.05 6.65 5.26
N THR A 1410 1.49 5.40 5.42
CA THR A 1410 1.06 4.33 4.52
C THR A 1410 -0.32 3.80 4.88
N PHE A 1411 -0.85 4.20 6.04
CA PHE A 1411 -2.21 3.90 6.47
C PHE A 1411 -2.35 2.42 6.81
N LYS A 1412 -1.25 1.80 7.24
CA LYS A 1412 -1.21 0.38 7.58
C LYS A 1412 -0.49 0.26 8.91
N GLY A 1413 -1.15 -0.33 9.91
CA GLY A 1413 -0.76 -0.19 11.29
C GLY A 1413 -1.24 1.09 11.90
N TRP A 1414 -2.08 1.82 11.17
CA TRP A 1414 -2.50 3.16 11.52
C TRP A 1414 -3.33 3.17 12.81
N MET A 1415 -4.33 2.29 12.88
CA MET A 1415 -5.25 2.28 14.02
C MET A 1415 -4.55 1.84 15.30
N ASP A 1416 -3.66 0.85 15.21
CA ASP A 1416 -2.98 0.34 16.39
C ASP A 1416 -2.11 1.41 17.05
N ILE A 1417 -1.63 2.39 16.30
CA ILE A 1417 -0.84 3.49 16.86
C ILE A 1417 -1.77 4.57 17.36
N MET A 1418 -2.78 4.91 16.55
CA MET A 1418 -3.77 5.90 16.95
C MET A 1418 -4.50 5.53 18.22
N TYR A 1419 -4.61 4.24 18.53
CA TYR A 1419 -5.29 3.81 19.75
C TYR A 1419 -4.39 3.94 20.97
N ALA A 1420 -3.17 3.41 20.87
CA ALA A 1420 -2.26 3.46 22.00
C ALA A 1420 -1.92 4.90 22.37
N ALA A 1421 -1.67 5.74 21.35
CA ALA A 1421 -1.34 7.13 21.63
C ALA A 1421 -2.49 7.84 22.33
N VAL A 1422 -3.72 7.62 21.85
CA VAL A 1422 -4.87 8.34 22.41
C VAL A 1422 -5.18 7.85 23.82
N ASP A 1423 -5.14 6.54 24.03
CA ASP A 1423 -5.51 6.00 25.34
C ASP A 1423 -4.42 6.24 26.38
N SER A 1424 -3.21 6.61 25.95
CA SER A 1424 -2.11 6.78 26.88
C SER A 1424 -2.41 7.88 27.89
N ARG A 1425 -2.24 7.56 29.18
CA ARG A 1425 -2.46 8.51 30.25
C ARG A 1425 -1.14 9.09 30.74
N GLU A 1426 -0.23 8.23 31.21
CA GLU A 1426 1.05 8.66 31.74
C GLU A 1426 2.01 7.47 31.67
N VAL A 1427 3.21 7.65 32.18
CA VAL A 1427 4.22 6.60 32.17
C VAL A 1427 3.95 5.67 33.34
N ASN A 1428 4.15 4.37 33.10
CA ASN A 1428 3.97 3.31 34.10
C ASN A 1428 2.54 3.19 34.57
N MET A 1429 1.61 3.90 33.93
CA MET A 1429 0.22 3.92 34.34
C MET A 1429 -0.64 3.35 33.21
N GLN A 1430 -1.57 2.46 33.57
CA GLN A 1430 -2.38 1.70 32.62
C GLN A 1430 -3.15 2.63 31.70
N PRO A 1431 -3.16 2.33 30.40
CA PRO A 1431 -3.97 3.13 29.47
C PRO A 1431 -5.45 3.07 29.84
N LYS A 1432 -6.13 4.20 29.64
CA LYS A 1432 -7.56 4.28 29.88
C LYS A 1432 -8.21 4.71 28.57
N TRP A 1433 -9.43 4.22 28.35
CA TRP A 1433 -10.17 4.52 27.13
C TRP A 1433 -10.23 6.02 26.88
N GLU A 1434 -9.61 6.46 25.79
CA GLU A 1434 -9.70 7.85 25.31
C GLU A 1434 -9.34 8.84 26.41
N ASP A 1435 -8.26 8.53 27.13
CA ASP A 1435 -7.79 9.45 28.17
C ASP A 1435 -7.20 10.71 27.55
N ASN A 1436 -6.39 10.55 26.50
CA ASN A 1436 -5.92 11.67 25.69
C ASN A 1436 -6.59 11.52 24.33
N VAL A 1437 -7.83 12.01 24.23
CA VAL A 1437 -8.62 11.79 23.03
C VAL A 1437 -8.24 12.73 21.90
N TYR A 1438 -7.40 13.73 22.15
CA TYR A 1438 -7.07 14.75 21.17
C TYR A 1438 -5.69 14.55 20.54
N MET A 1439 -5.12 13.36 20.72
CA MET A 1439 -3.88 12.99 20.00
C MET A 1439 -4.31 12.58 18.58
N TYR A 1440 -5.59 12.36 18.30
CA TYR A 1440 -6.12 12.19 16.95
C TYR A 1440 -5.91 13.43 16.11
N LEU A 1441 -5.99 14.61 16.74
CA LEU A 1441 -5.64 15.85 16.04
C LEU A 1441 -4.18 15.86 15.64
N TYR A 1442 -3.30 15.37 16.51
CA TYR A 1442 -1.88 15.29 16.16
C TYR A 1442 -1.68 14.42 14.92
N PHE A 1443 -2.34 13.27 14.90
CA PHE A 1443 -2.18 12.37 13.76
C PHE A 1443 -2.79 12.95 12.51
N VAL A 1444 -3.88 13.69 12.64
CA VAL A 1444 -4.49 14.34 11.48
C VAL A 1444 -3.55 15.39 10.90
N ILE A 1445 -2.75 16.07 11.73
CA ILE A 1445 -1.76 17.10 11.25
C ILE A 1445 -0.50 16.45 10.64
N PHE A 1446 0.05 15.34 11.13
CA PHE A 1446 1.22 14.68 10.48
C PHE A 1446 0.82 13.95 9.18
N ILE A 1447 -0.45 13.61 9.01
CA ILE A 1447 -0.94 12.96 7.75
C ILE A 1447 -1.21 14.08 6.75
N ILE A 1448 -1.96 15.11 7.10
CA ILE A 1448 -2.09 16.21 6.14
C ILE A 1448 -0.72 16.62 5.63
N PHE A 1449 0.17 17.08 6.52
CA PHE A 1449 1.48 17.65 6.11
C PHE A 1449 2.46 16.60 5.57
N GLY A 1450 2.95 15.67 6.37
CA GLY A 1450 3.93 14.64 5.93
C GLY A 1450 3.34 13.61 4.97
N GLY A 1451 2.11 13.79 4.53
CA GLY A 1451 1.49 12.91 3.55
C GLY A 1451 1.20 13.66 2.29
N PHE A 1452 0.19 14.51 2.29
CA PHE A 1452 -0.14 15.33 1.12
C PHE A 1452 1.05 16.12 0.60
N PHE A 1453 1.70 16.92 1.45
CA PHE A 1453 2.65 17.88 0.92
C PHE A 1453 3.96 17.23 0.50
N THR A 1454 4.48 16.29 1.31
CA THR A 1454 5.68 15.59 0.89
C THR A 1454 5.45 14.72 -0.34
N LEU A 1455 4.30 14.06 -0.45
CA LEU A 1455 3.95 13.31 -1.65
C LEU A 1455 3.80 14.20 -2.87
N ASN A 1456 3.17 15.37 -2.74
CA ASN A 1456 3.10 16.32 -3.84
C ASN A 1456 4.48 16.78 -4.27
N LEU A 1457 5.36 17.08 -3.33
CA LEU A 1457 6.72 17.46 -3.66
C LEU A 1457 7.46 16.34 -4.39
N PHE A 1458 7.34 15.11 -3.92
CA PHE A 1458 7.97 13.98 -4.59
C PHE A 1458 7.44 13.80 -6.01
N VAL A 1459 6.13 13.82 -6.15
CA VAL A 1459 5.56 13.65 -7.46
C VAL A 1459 6.15 14.72 -8.31
N GLY A 1460 5.88 15.97 -8.00
CA GLY A 1460 6.31 17.05 -8.87
C GLY A 1460 7.77 16.94 -9.27
N VAL A 1461 8.64 16.61 -8.33
CA VAL A 1461 10.06 16.51 -8.64
C VAL A 1461 10.33 15.38 -9.63
N ILE A 1462 9.74 14.20 -9.40
CA ILE A 1462 9.91 13.10 -10.35
C ILE A 1462 9.31 13.39 -11.71
N ILE A 1463 8.14 13.94 -11.77
CA ILE A 1463 7.59 14.30 -13.04
C ILE A 1463 8.53 15.19 -13.84
N ASP A 1464 9.00 16.29 -13.29
CA ASP A 1464 9.82 17.29 -14.02
C ASP A 1464 11.19 16.70 -14.37
N ASN A 1465 11.72 15.72 -13.50
CA ASN A 1465 12.93 15.04 -13.95
C ASN A 1465 12.65 14.19 -15.19
N PHE A 1466 11.56 13.43 -15.16
CA PHE A 1466 11.26 12.55 -16.29
C PHE A 1466 10.86 13.36 -17.52
N ASN A 1467 10.17 14.48 -17.33
CA ASN A 1467 9.86 15.36 -18.45
C ASN A 1467 11.13 15.95 -19.05
N GLN A 1468 12.09 16.34 -18.19
CA GLN A 1468 13.36 16.84 -18.69
C GLN A 1468 14.07 15.79 -19.52
N GLN A 1469 14.11 14.55 -19.04
CA GLN A 1469 14.75 13.49 -19.83
C GLN A 1469 14.01 13.22 -21.13
N LYS A 1470 12.67 13.24 -21.11
CA LYS A 1470 11.88 13.00 -22.31
C LYS A 1470 12.13 14.08 -23.36
N LYS A 1471 12.18 15.35 -22.93
CA LYS A 1471 12.43 16.42 -23.88
C LYS A 1471 13.89 16.46 -24.33
N LYS A 1472 14.80 15.98 -23.48
CA LYS A 1472 16.20 15.92 -23.88
C LYS A 1472 16.42 14.87 -24.97
N LEU A 1473 15.89 13.66 -24.76
CA LEU A 1473 16.01 12.64 -25.78
C LEU A 1473 15.08 12.86 -26.96
N GLY A 1474 13.92 13.48 -26.75
CA GLY A 1474 12.95 13.67 -27.80
C GLY A 1474 12.43 12.35 -28.33
N GLY A 1475 12.52 11.32 -27.52
CA GLY A 1475 12.11 9.97 -27.94
C GLY A 1475 11.33 9.27 -26.87
N GLN A 1476 10.44 8.38 -27.31
CA GLN A 1476 9.58 7.62 -26.42
C GLN A 1476 10.32 6.52 -25.66
N ASP A 1477 11.58 6.27 -26.00
CA ASP A 1477 12.30 5.16 -25.39
C ASP A 1477 12.85 5.53 -24.02
N ILE A 1478 11.99 6.05 -23.14
CA ILE A 1478 12.35 6.18 -21.73
C ILE A 1478 12.38 4.82 -21.07
N PHE A 1479 11.31 4.03 -21.28
CA PHE A 1479 11.23 2.66 -20.79
C PHE A 1479 11.14 1.64 -21.92
N MET A 1480 10.87 2.07 -23.14
CA MET A 1480 10.71 1.15 -24.26
C MET A 1480 12.07 0.78 -24.86
N THR A 1481 12.04 -0.21 -25.73
CA THR A 1481 13.22 -0.71 -26.43
C THR A 1481 13.17 -0.26 -27.91
N GLU A 1482 14.16 -0.65 -28.69
CA GLU A 1482 14.16 -0.34 -30.11
C GLU A 1482 13.17 -1.22 -30.88
N GLU A 1483 13.28 -2.53 -30.72
CA GLU A 1483 12.30 -3.43 -31.32
C GLU A 1483 10.91 -3.17 -30.76
N GLN A 1484 10.83 -2.86 -29.46
CA GLN A 1484 9.54 -2.51 -28.87
C GLN A 1484 9.01 -1.20 -29.44
N LYS A 1485 9.90 -0.26 -29.80
CA LYS A 1485 9.45 0.96 -30.45
C LYS A 1485 8.91 0.67 -31.86
N LYS A 1486 9.56 -0.25 -32.57
CA LYS A 1486 9.04 -0.67 -33.87
C LYS A 1486 7.68 -1.32 -33.72
N TYR A 1487 7.51 -2.17 -32.70
CA TYR A 1487 6.23 -2.79 -32.42
C TYR A 1487 5.19 -1.74 -32.05
N TYR A 1488 5.59 -0.71 -31.31
CA TYR A 1488 4.72 0.41 -30.99
C TYR A 1488 4.27 1.11 -32.26
N ASN A 1489 5.18 1.31 -33.21
CA ASN A 1489 4.82 1.90 -34.49
C ASN A 1489 3.83 1.02 -35.24
N ALA A 1490 4.02 -0.30 -35.17
CA ALA A 1490 3.07 -1.22 -35.80
C ALA A 1490 1.68 -1.09 -35.18
N MET A 1491 1.62 -1.01 -33.85
CA MET A 1491 0.32 -0.84 -33.19
C MET A 1491 -0.32 0.49 -33.56
N LYS A 1492 0.47 1.56 -33.63
CA LYS A 1492 -0.06 2.85 -34.06
C LYS A 1492 -0.61 2.78 -35.48
N LYS A 1493 0.11 2.07 -36.36
CA LYS A 1493 -0.41 1.84 -37.72
C LYS A 1493 -1.73 1.11 -37.69
N LEU A 1494 -1.86 0.12 -36.81
CA LEU A 1494 -3.14 -0.56 -36.65
C LEU A 1494 -4.23 0.41 -36.21
N GLY A 1495 -3.92 1.28 -35.26
CA GLY A 1495 -4.87 2.29 -34.84
C GLY A 1495 -5.12 3.34 -35.91
N SER A 1496 -4.07 3.73 -36.64
CA SER A 1496 -4.20 4.73 -37.69
C SER A 1496 -4.93 4.21 -38.91
N LYS A 1497 -5.31 2.93 -38.94
CA LYS A 1497 -6.04 2.36 -40.07
C LYS A 1497 -7.47 2.87 -40.09
N LYS A 1498 -7.65 4.13 -40.47
CA LYS A 1498 -8.98 4.73 -40.56
C LYS A 1498 -9.71 4.26 -41.81
N PRO A 1499 -9.14 4.38 -43.02
CA PRO A 1499 -9.86 3.91 -44.20
C PRO A 1499 -9.99 2.39 -44.21
N GLN A 1500 -11.08 1.92 -44.79
CA GLN A 1500 -11.33 0.50 -44.94
C GLN A 1500 -11.89 0.24 -46.34
N LYS A 1501 -11.56 -0.94 -46.88
CA LYS A 1501 -12.04 -1.32 -48.19
C LYS A 1501 -13.46 -1.83 -48.08
N PRO A 1502 -14.44 -1.21 -48.76
CA PRO A 1502 -15.81 -1.73 -48.72
C PRO A 1502 -15.88 -3.14 -49.28
N ILE A 1503 -16.67 -3.98 -48.63
CA ILE A 1503 -16.74 -5.39 -49.01
C ILE A 1503 -17.51 -5.52 -50.32
N PRO A 1504 -17.01 -6.30 -51.29
CA PRO A 1504 -17.81 -6.56 -52.50
C PRO A 1504 -19.07 -7.33 -52.16
N ARG A 1505 -20.21 -6.68 -52.36
CA ARG A 1505 -21.48 -7.27 -52.00
C ARG A 1505 -21.74 -8.53 -52.85
N PRO A 1506 -22.15 -9.63 -52.23
CA PRO A 1506 -22.44 -10.84 -53.01
C PRO A 1506 -23.61 -10.65 -53.97
N LEU A 1507 -23.33 -10.71 -55.27
CA LEU A 1507 -24.39 -10.53 -56.26
C LEU A 1507 -25.30 -11.76 -56.30
N ASN A 1508 -24.77 -12.94 -55.98
CA ASN A 1508 -25.55 -14.16 -56.07
C ASN A 1508 -26.60 -14.22 -54.98
N LYS A 1509 -27.73 -14.86 -55.30
CA LYS A 1509 -28.85 -14.92 -54.37
C LYS A 1509 -28.45 -15.56 -53.06
N PHE A 1510 -27.70 -16.65 -53.10
CA PHE A 1510 -27.09 -17.17 -51.88
C PHE A 1510 -26.04 -16.17 -51.40
N GLN A 1511 -26.21 -15.72 -50.16
CA GLN A 1511 -25.53 -14.60 -49.51
C GLN A 1511 -26.06 -13.24 -49.98
N GLY A 1512 -26.87 -13.18 -51.03
CA GLY A 1512 -27.32 -11.90 -51.58
C GLY A 1512 -27.95 -10.94 -50.59
N PHE A 1513 -29.13 -11.28 -50.08
CA PHE A 1513 -29.78 -10.47 -49.05
C PHE A 1513 -29.23 -10.75 -47.66
N VAL A 1514 -28.53 -11.88 -47.49
CA VAL A 1514 -27.97 -12.23 -46.18
C VAL A 1514 -26.89 -11.24 -45.79
N PHE A 1515 -26.03 -10.86 -46.73
CA PHE A 1515 -25.00 -9.88 -46.44
C PHE A 1515 -25.61 -8.54 -46.02
N ASP A 1516 -26.64 -8.10 -46.76
CA ASP A 1516 -27.27 -6.82 -46.45
C ASP A 1516 -27.91 -6.85 -45.07
N ILE A 1517 -28.64 -7.94 -44.76
CA ILE A 1517 -29.32 -8.00 -43.46
C ILE A 1517 -28.30 -8.14 -42.33
N VAL A 1518 -27.15 -8.76 -42.60
CA VAL A 1518 -26.10 -8.85 -41.60
C VAL A 1518 -25.43 -7.50 -41.34
N THR A 1519 -25.13 -6.73 -42.38
CA THR A 1519 -24.41 -5.46 -42.25
C THR A 1519 -25.33 -4.31 -41.84
N ARG A 1520 -26.51 -4.61 -41.29
CA ARG A 1520 -27.51 -3.60 -41.00
C ARG A 1520 -27.29 -3.00 -39.61
N GLN A 1521 -27.59 -1.70 -39.50
CA GLN A 1521 -27.57 -1.05 -38.20
C GLN A 1521 -28.60 -1.68 -37.26
N ALA A 1522 -29.74 -2.10 -37.80
CA ALA A 1522 -30.70 -2.84 -36.99
C ALA A 1522 -30.09 -4.13 -36.47
N PHE A 1523 -29.34 -4.84 -37.32
CA PHE A 1523 -28.71 -6.08 -36.90
C PHE A 1523 -27.71 -5.83 -35.77
N ASP A 1524 -26.86 -4.81 -35.92
CA ASP A 1524 -25.84 -4.62 -34.90
C ASP A 1524 -26.42 -4.09 -33.59
N ILE A 1525 -27.44 -3.23 -33.65
CA ILE A 1525 -28.07 -2.79 -32.40
C ILE A 1525 -28.81 -3.95 -31.75
N THR A 1526 -29.40 -4.84 -32.55
CA THR A 1526 -30.05 -6.02 -31.98
C THR A 1526 -29.05 -6.92 -31.29
N ILE A 1527 -27.90 -7.14 -31.91
CA ILE A 1527 -26.87 -7.97 -31.28
C ILE A 1527 -26.38 -7.31 -30.00
N MET A 1528 -26.21 -5.98 -30.01
CA MET A 1528 -25.76 -5.29 -28.81
C MET A 1528 -26.76 -5.43 -27.66
N VAL A 1529 -28.04 -5.20 -27.95
CA VAL A 1529 -29.04 -5.32 -26.89
C VAL A 1529 -29.17 -6.78 -26.42
N LEU A 1530 -29.01 -7.73 -27.33
CA LEU A 1530 -29.02 -9.14 -26.93
C LEU A 1530 -27.85 -9.44 -25.99
N ILE A 1531 -26.67 -8.91 -26.29
CA ILE A 1531 -25.55 -9.02 -25.37
C ILE A 1531 -25.91 -8.39 -24.04
N CYS A 1532 -26.68 -7.30 -24.07
CA CYS A 1532 -27.05 -6.62 -22.83
C CYS A 1532 -27.94 -7.49 -21.96
N LEU A 1533 -29.02 -8.01 -22.52
CA LEU A 1533 -29.90 -8.95 -21.78
C LEU A 1533 -29.07 -10.13 -21.27
N ASN A 1534 -28.21 -10.71 -22.11
CA ASN A 1534 -27.41 -11.85 -21.67
C ASN A 1534 -26.53 -11.48 -20.48
N MET A 1535 -25.96 -10.27 -20.51
CA MET A 1535 -25.17 -9.80 -19.38
C MET A 1535 -26.02 -9.75 -18.11
N ILE A 1536 -27.21 -9.17 -18.21
CA ILE A 1536 -28.05 -9.08 -17.01
C ILE A 1536 -28.51 -10.48 -16.58
N THR A 1537 -28.66 -11.40 -17.53
CA THR A 1537 -29.08 -12.75 -17.23
C THR A 1537 -28.04 -13.50 -16.41
N MET A 1538 -26.77 -13.44 -16.79
CA MET A 1538 -25.73 -14.01 -15.93
C MET A 1538 -25.45 -13.13 -14.72
N MET A 1539 -25.93 -11.89 -14.71
CA MET A 1539 -25.77 -11.04 -13.54
C MET A 1539 -26.73 -11.45 -12.42
N VAL A 1540 -27.97 -11.81 -12.77
CA VAL A 1540 -28.90 -12.28 -11.76
C VAL A 1540 -28.66 -13.77 -11.52
N GLU A 1541 -27.70 -14.09 -10.67
CA GLU A 1541 -27.36 -15.48 -10.37
C GLU A 1541 -26.84 -15.50 -8.93
N THR A 1542 -27.66 -16.02 -8.04
CA THR A 1542 -27.37 -16.04 -6.61
C THR A 1542 -26.90 -17.42 -6.17
N ASP A 1543 -26.20 -17.44 -5.03
CA ASP A 1543 -25.68 -18.71 -4.52
C ASP A 1543 -26.81 -19.63 -4.07
N ASP A 1544 -27.61 -19.18 -3.10
CA ASP A 1544 -28.72 -19.98 -2.60
C ASP A 1544 -29.84 -19.94 -3.61
N GLN A 1545 -29.64 -20.66 -4.71
CA GLN A 1545 -30.58 -20.70 -5.81
C GLN A 1545 -31.22 -22.09 -5.91
N SER A 1546 -32.48 -22.10 -6.31
CA SER A 1546 -33.17 -23.37 -6.50
C SER A 1546 -32.59 -24.13 -7.68
N GLU A 1547 -32.72 -25.46 -7.63
CA GLU A 1547 -32.30 -26.28 -8.77
C GLU A 1547 -33.11 -25.93 -10.01
N GLU A 1548 -34.39 -25.43 -9.66
CA GLU A 1548 -35.30 -24.91 -10.72
C GLU A 1548 -34.63 -23.70 -11.36
N LYS A 1549 -33.98 -22.86 -10.65
CA LYS A 1549 -33.31 -21.65 -11.11
C LYS A 1549 -32.03 -22.00 -11.87
N THR A 1550 -31.28 -22.98 -11.37
CA THR A 1550 -30.07 -23.41 -12.08
C THR A 1550 -30.42 -24.02 -13.44
N LYS A 1551 -31.50 -24.80 -13.50
CA LYS A 1551 -31.94 -25.38 -14.77
C LYS A 1551 -32.34 -24.28 -15.76
N ILE A 1552 -33.07 -23.27 -15.29
CA ILE A 1552 -33.48 -22.17 -16.17
C ILE A 1552 -32.25 -21.41 -16.65
N LEU A 1553 -31.28 -21.17 -15.76
CA LEU A 1553 -30.08 -20.45 -16.16
C LEU A 1553 -29.30 -21.24 -17.21
N GLY A 1554 -29.19 -22.56 -17.03
CA GLY A 1554 -28.51 -23.37 -18.03
C GLY A 1554 -29.24 -23.38 -19.36
N LYS A 1555 -30.57 -23.45 -19.32
CA LYS A 1555 -31.36 -23.41 -20.56
C LYS A 1555 -31.15 -22.10 -21.31
N ILE A 1556 -31.17 -20.98 -20.58
CA ILE A 1556 -31.01 -19.68 -21.21
C ILE A 1556 -29.59 -19.52 -21.73
N ASN A 1557 -28.60 -20.03 -21.00
CA ASN A 1557 -27.23 -20.01 -21.49
C ASN A 1557 -27.09 -20.79 -22.78
N GLN A 1558 -27.73 -21.96 -22.86
CA GLN A 1558 -27.71 -22.74 -24.10
C GLN A 1558 -28.37 -21.98 -25.23
N PHE A 1559 -29.51 -21.32 -24.96
CA PHE A 1559 -30.19 -20.56 -25.99
C PHE A 1559 -29.30 -19.43 -26.51
N PHE A 1560 -28.64 -18.71 -25.61
CA PHE A 1560 -27.79 -17.59 -26.03
C PHE A 1560 -26.57 -18.09 -26.79
N VAL A 1561 -26.00 -19.21 -26.37
CA VAL A 1561 -24.88 -19.80 -27.12
C VAL A 1561 -25.33 -20.19 -28.53
N ALA A 1562 -26.53 -20.78 -28.64
CA ALA A 1562 -27.04 -21.15 -29.94
C ALA A 1562 -27.26 -19.92 -30.82
N VAL A 1563 -27.80 -18.84 -30.26
CA VAL A 1563 -28.01 -17.62 -31.04
C VAL A 1563 -26.68 -17.04 -31.49
N PHE A 1564 -25.69 -17.00 -30.61
CA PHE A 1564 -24.38 -16.46 -30.97
C PHE A 1564 -23.73 -17.31 -32.06
N THR A 1565 -23.84 -18.63 -31.96
CA THR A 1565 -23.29 -19.50 -32.99
C THR A 1565 -24.01 -19.30 -34.31
N GLY A 1566 -25.33 -19.11 -34.28
CA GLY A 1566 -26.07 -18.83 -35.49
C GLY A 1566 -25.61 -17.54 -36.15
N GLU A 1567 -25.42 -16.49 -35.34
CA GLU A 1567 -24.93 -15.23 -35.90
C GLU A 1567 -23.53 -15.37 -36.49
N CYS A 1568 -22.65 -16.10 -35.79
CA CYS A 1568 -21.29 -16.30 -36.29
C CYS A 1568 -21.29 -17.06 -37.61
N VAL A 1569 -22.09 -18.13 -37.71
CA VAL A 1569 -22.16 -18.90 -38.94
C VAL A 1569 -22.80 -18.07 -40.05
N MET A 1570 -23.79 -17.25 -39.70
CA MET A 1570 -24.43 -16.39 -40.69
C MET A 1570 -23.43 -15.40 -41.26
N LYS A 1571 -22.57 -14.84 -40.40
CA LYS A 1571 -21.55 -13.92 -40.89
C LYS A 1571 -20.48 -14.63 -41.70
N MET A 1572 -20.05 -15.82 -41.26
CA MET A 1572 -19.12 -16.63 -42.04
C MET A 1572 -19.67 -16.92 -43.43
N PHE A 1573 -20.97 -17.14 -43.54
CA PHE A 1573 -21.56 -17.51 -44.82
C PHE A 1573 -21.77 -16.28 -45.70
N ALA A 1574 -22.51 -15.29 -45.21
CA ALA A 1574 -22.81 -14.10 -46.00
C ALA A 1574 -21.54 -13.33 -46.37
N LEU A 1575 -20.64 -13.16 -45.41
CA LEU A 1575 -19.42 -12.40 -45.65
C LEU A 1575 -18.25 -13.35 -45.89
N ARG A 1576 -17.68 -13.25 -47.09
CA ARG A 1576 -16.80 -14.29 -47.65
C ARG A 1576 -15.35 -13.96 -47.31
N GLN A 1577 -14.88 -14.43 -46.16
CA GLN A 1577 -13.53 -14.35 -45.62
C GLN A 1577 -13.20 -12.92 -45.18
N TYR A 1578 -14.02 -11.93 -45.50
CA TYR A 1578 -13.86 -10.62 -44.90
C TYR A 1578 -14.34 -10.61 -43.45
N TYR A 1579 -15.08 -11.64 -43.03
CA TYR A 1579 -15.32 -11.86 -41.62
C TYR A 1579 -14.02 -12.17 -40.89
N PHE A 1580 -13.20 -13.06 -41.46
CA PHE A 1580 -11.89 -13.35 -40.88
C PHE A 1580 -10.91 -12.22 -41.10
N THR A 1581 -11.17 -11.33 -42.07
CA THR A 1581 -10.31 -10.17 -42.27
C THR A 1581 -10.30 -9.27 -41.04
N ASN A 1582 -11.47 -9.02 -40.45
CA ASN A 1582 -11.56 -8.09 -39.33
C ASN A 1582 -11.11 -8.74 -38.03
N GLY A 1583 -10.35 -7.98 -37.23
CA GLY A 1583 -9.85 -8.51 -35.98
C GLY A 1583 -10.93 -8.74 -34.93
N TRP A 1584 -11.85 -7.78 -34.81
CA TRP A 1584 -12.92 -7.93 -33.83
C TRP A 1584 -13.91 -9.03 -34.23
N ASN A 1585 -14.13 -9.21 -35.53
CA ASN A 1585 -14.90 -10.35 -35.99
C ASN A 1585 -14.21 -11.66 -35.66
N VAL A 1586 -12.88 -11.69 -35.73
CA VAL A 1586 -12.11 -12.86 -35.32
C VAL A 1586 -12.30 -13.11 -33.82
N PHE A 1587 -12.30 -12.03 -33.03
CA PHE A 1587 -12.55 -12.16 -31.60
C PHE A 1587 -13.93 -12.73 -31.33
N ASP A 1588 -14.94 -12.25 -32.06
CA ASP A 1588 -16.28 -12.78 -31.91
C ASP A 1588 -16.33 -14.27 -32.25
N PHE A 1589 -15.66 -14.65 -33.34
CA PHE A 1589 -15.63 -16.06 -33.73
C PHE A 1589 -14.97 -16.92 -32.64
N ILE A 1590 -13.85 -16.46 -32.11
CA ILE A 1590 -13.14 -17.29 -31.13
C ILE A 1590 -13.94 -17.38 -29.82
N VAL A 1591 -14.69 -16.32 -29.49
CA VAL A 1591 -15.49 -16.28 -28.22
C VAL A 1591 -16.85 -16.98 -28.46
N VAL A 1592 -17.17 -17.41 -29.68
CA VAL A 1592 -18.41 -18.20 -29.94
C VAL A 1592 -17.98 -19.65 -30.17
N VAL A 1593 -16.69 -19.92 -30.40
CA VAL A 1593 -16.17 -21.31 -30.52
C VAL A 1593 -15.74 -21.73 -29.11
N LEU A 1594 -15.35 -20.80 -28.24
CA LEU A 1594 -15.09 -21.13 -26.85
C LEU A 1594 -16.36 -21.37 -26.05
N SER A 1595 -17.42 -20.59 -26.29
CA SER A 1595 -18.70 -20.86 -25.65
C SER A 1595 -19.25 -22.23 -26.05
N ILE A 1596 -19.16 -22.57 -27.34
CA ILE A 1596 -19.58 -23.90 -27.80
C ILE A 1596 -18.78 -24.99 -27.12
N ALA A 1597 -17.46 -24.82 -27.07
CA ALA A 1597 -16.60 -25.82 -26.44
C ALA A 1597 -16.90 -25.97 -24.96
N SER A 1598 -17.14 -24.84 -24.27
CA SER A 1598 -17.45 -24.89 -22.85
C SER A 1598 -18.78 -25.61 -22.60
N LEU A 1599 -19.80 -25.32 -23.42
CA LEU A 1599 -21.08 -25.99 -23.26
C LEU A 1599 -20.94 -27.49 -23.49
N ILE A 1600 -20.21 -27.87 -24.55
CA ILE A 1600 -20.03 -29.29 -24.85
C ILE A 1600 -19.24 -29.98 -23.75
N PHE A 1601 -18.18 -29.34 -23.24
CA PHE A 1601 -17.39 -29.92 -22.16
C PHE A 1601 -18.20 -30.06 -20.88
N SER A 1602 -19.04 -29.08 -20.57
CA SER A 1602 -19.91 -29.17 -19.40
C SER A 1602 -20.88 -30.33 -19.54
N ALA A 1603 -21.48 -30.48 -20.73
CA ALA A 1603 -22.38 -31.61 -20.95
C ALA A 1603 -21.66 -32.94 -20.81
N ILE A 1604 -20.43 -33.03 -21.35
CA ILE A 1604 -19.68 -34.28 -21.29
C ILE A 1604 -19.32 -34.62 -19.85
N LEU A 1605 -18.86 -33.63 -19.08
CA LEU A 1605 -18.49 -33.89 -17.70
C LEU A 1605 -19.72 -34.21 -16.85
N LYS A 1606 -20.87 -33.60 -17.15
CA LYS A 1606 -22.09 -33.90 -16.44
C LYS A 1606 -22.52 -35.36 -16.63
N SER A 1607 -22.07 -36.00 -17.71
CA SER A 1607 -22.35 -37.42 -17.94
C SER A 1607 -21.52 -38.32 -17.03
N LEU A 1608 -20.70 -37.75 -16.16
CA LEU A 1608 -19.90 -38.50 -15.18
C LEU A 1608 -18.94 -39.46 -15.87
N GLN A 1609 -18.04 -38.89 -16.67
CA GLN A 1609 -16.94 -39.68 -17.21
C GLN A 1609 -15.89 -39.96 -16.14
N SER A 1610 -15.71 -39.01 -15.22
CA SER A 1610 -14.76 -39.12 -14.11
C SER A 1610 -15.20 -38.14 -13.04
N TYR A 1611 -14.31 -37.86 -12.10
CA TYR A 1611 -14.60 -36.85 -11.08
C TYR A 1611 -14.86 -35.50 -11.74
N PHE A 1612 -15.91 -34.83 -11.32
CA PHE A 1612 -16.32 -33.53 -11.87
C PHE A 1612 -16.45 -32.55 -10.72
N SER A 1613 -15.36 -31.88 -10.39
CA SER A 1613 -15.40 -30.87 -9.34
C SER A 1613 -16.25 -29.68 -9.77
N PRO A 1614 -17.12 -29.16 -8.91
CA PRO A 1614 -17.91 -27.97 -9.30
C PRO A 1614 -17.05 -26.76 -9.61
N THR A 1615 -15.84 -26.68 -9.03
CA THR A 1615 -14.96 -25.56 -9.33
C THR A 1615 -14.49 -25.59 -10.78
N LEU A 1616 -14.32 -26.79 -11.34
CA LEU A 1616 -13.97 -26.89 -12.75
C LEU A 1616 -15.14 -26.48 -13.63
N PHE A 1617 -16.37 -26.80 -13.22
CA PHE A 1617 -17.54 -26.30 -13.92
C PHE A 1617 -17.58 -24.78 -13.88
N ARG A 1618 -17.26 -24.19 -12.74
CA ARG A 1618 -17.25 -22.73 -12.63
C ARG A 1618 -16.16 -22.12 -13.52
N VAL A 1619 -14.98 -22.74 -13.55
CA VAL A 1619 -13.90 -22.24 -14.38
C VAL A 1619 -14.26 -22.31 -15.86
N ILE A 1620 -14.84 -23.45 -16.28
CA ILE A 1620 -15.23 -23.61 -17.67
C ILE A 1620 -16.34 -22.63 -18.03
N ARG A 1621 -17.26 -22.36 -17.10
CA ARG A 1621 -18.32 -21.41 -17.33
C ARG A 1621 -17.82 -19.97 -17.45
N LEU A 1622 -16.56 -19.71 -17.10
CA LEU A 1622 -15.99 -18.39 -17.32
C LEU A 1622 -15.83 -18.08 -18.80
N ALA A 1623 -15.88 -19.10 -19.67
CA ALA A 1623 -15.68 -18.89 -21.09
C ALA A 1623 -16.75 -17.98 -21.70
N ARG A 1624 -17.88 -17.80 -21.02
CA ARG A 1624 -18.89 -16.84 -21.45
C ARG A 1624 -18.48 -15.39 -21.17
N ILE A 1625 -17.24 -15.17 -20.69
CA ILE A 1625 -16.77 -13.81 -20.49
C ILE A 1625 -16.59 -13.09 -21.82
N GLY A 1626 -16.32 -13.83 -22.89
CA GLY A 1626 -16.19 -13.19 -24.19
C GLY A 1626 -17.49 -12.57 -24.68
N ARG A 1627 -18.62 -13.20 -24.35
CA ARG A 1627 -19.91 -12.71 -24.80
C ARG A 1627 -20.19 -11.30 -24.30
N ILE A 1628 -19.54 -10.88 -23.21
CA ILE A 1628 -19.68 -9.53 -22.70
C ILE A 1628 -18.44 -8.68 -22.97
N LEU A 1629 -17.26 -9.29 -23.13
CA LEU A 1629 -16.10 -8.56 -23.60
C LEU A 1629 -16.26 -8.09 -25.04
N ARG A 1630 -17.23 -8.65 -25.77
CA ARG A 1630 -17.54 -8.17 -27.11
C ARG A 1630 -18.15 -6.78 -27.11
N LEU A 1631 -18.55 -6.27 -25.94
CA LEU A 1631 -19.19 -4.96 -25.86
C LEU A 1631 -18.19 -3.81 -25.89
N ILE A 1632 -16.89 -4.11 -25.94
CA ILE A 1632 -15.88 -3.05 -25.97
C ILE A 1632 -16.07 -2.17 -27.21
N ARG A 1633 -16.46 -2.78 -28.34
CA ARG A 1633 -16.66 -2.02 -29.56
C ARG A 1633 -17.77 -0.98 -29.40
N ALA A 1634 -18.82 -1.32 -28.65
CA ALA A 1634 -19.98 -0.42 -28.55
C ALA A 1634 -19.61 0.91 -27.91
N ALA A 1635 -18.61 0.93 -27.04
CA ALA A 1635 -18.19 2.15 -26.35
C ALA A 1635 -16.89 2.63 -26.95
N LYS A 1636 -16.95 3.76 -27.67
CA LYS A 1636 -15.75 4.32 -28.29
C LYS A 1636 -14.74 4.74 -27.24
N GLY A 1637 -15.21 5.32 -26.12
CA GLY A 1637 -14.29 5.70 -25.06
C GLY A 1637 -13.58 4.51 -24.45
N ILE A 1638 -14.33 3.44 -24.20
CA ILE A 1638 -13.72 2.21 -23.67
C ILE A 1638 -12.70 1.66 -24.67
N ARG A 1639 -13.05 1.68 -25.96
CA ARG A 1639 -12.11 1.21 -26.98
C ARG A 1639 -10.84 2.04 -26.98
N THR A 1640 -10.97 3.36 -26.87
CA THR A 1640 -9.79 4.23 -26.88
C THR A 1640 -8.91 4.01 -25.65
N LEU A 1641 -9.53 3.89 -24.47
CA LEU A 1641 -8.74 3.64 -23.27
C LEU A 1641 -8.06 2.27 -23.32
N LEU A 1642 -8.75 1.26 -23.84
CA LEU A 1642 -8.11 -0.04 -24.00
C LEU A 1642 -6.99 0.01 -25.03
N PHE A 1643 -7.14 0.81 -26.08
CA PHE A 1643 -6.06 0.99 -27.04
C PHE A 1643 -4.86 1.66 -26.40
N ALA A 1644 -5.10 2.65 -25.53
CA ALA A 1644 -3.99 3.28 -24.81
C ALA A 1644 -3.31 2.27 -23.89
N LEU A 1645 -4.09 1.42 -23.22
CA LEU A 1645 -3.50 0.35 -22.43
C LEU A 1645 -2.62 -0.55 -23.29
N MET A 1646 -3.13 -0.97 -24.45
CA MET A 1646 -2.37 -1.83 -25.34
C MET A 1646 -1.10 -1.13 -25.80
N MET A 1647 -1.18 0.18 -26.04
CA MET A 1647 -0.01 0.98 -26.38
C MET A 1647 1.02 0.93 -25.27
N SER A 1648 0.57 1.01 -24.02
CA SER A 1648 1.50 1.03 -22.90
C SER A 1648 2.07 -0.35 -22.59
N LEU A 1649 1.41 -1.42 -23.03
CA LEU A 1649 1.89 -2.78 -22.73
C LEU A 1649 3.37 -3.05 -22.98
N PRO A 1650 4.06 -2.43 -23.95
CA PRO A 1650 5.51 -2.61 -24.01
C PRO A 1650 6.24 -2.07 -22.78
N ALA A 1651 6.03 -0.79 -22.48
CA ALA A 1651 6.64 -0.20 -21.30
C ALA A 1651 6.05 -0.78 -20.03
N LEU A 1652 4.74 -1.05 -20.03
CA LEU A 1652 4.12 -1.70 -18.88
C LEU A 1652 4.74 -3.06 -18.63
N PHE A 1653 5.00 -3.83 -19.70
CA PHE A 1653 5.64 -5.13 -19.54
C PHE A 1653 7.06 -4.98 -19.01
N ASN A 1654 7.80 -3.98 -19.50
CA ASN A 1654 9.16 -3.77 -19.00
C ASN A 1654 9.17 -3.47 -17.50
N ILE A 1655 8.38 -2.49 -17.08
CA ILE A 1655 8.41 -2.12 -15.67
C ILE A 1655 7.75 -3.20 -14.82
N GLY A 1656 6.78 -3.93 -15.37
CA GLY A 1656 6.19 -5.04 -14.64
C GLY A 1656 7.15 -6.18 -14.43
N LEU A 1657 8.00 -6.47 -15.43
CA LEU A 1657 9.03 -7.46 -15.25
C LEU A 1657 10.10 -7.02 -14.25
N LEU A 1658 10.41 -5.72 -14.23
CA LEU A 1658 11.28 -5.21 -13.16
C LEU A 1658 10.64 -5.42 -11.78
N LEU A 1659 9.35 -5.13 -11.67
CA LEU A 1659 8.64 -5.33 -10.41
C LEU A 1659 8.59 -6.81 -10.03
N PHE A 1660 8.39 -7.69 -11.01
CA PHE A 1660 8.39 -9.13 -10.74
C PHE A 1660 9.77 -9.59 -10.29
N LEU A 1661 10.82 -9.02 -10.86
CA LEU A 1661 12.17 -9.35 -10.42
C LEU A 1661 12.39 -8.93 -8.97
N VAL A 1662 11.95 -7.71 -8.61
CA VAL A 1662 12.14 -7.26 -7.23
C VAL A 1662 11.27 -8.10 -6.29
N MET A 1663 10.07 -8.48 -6.73
CA MET A 1663 9.24 -9.39 -5.96
C MET A 1663 9.94 -10.71 -5.73
N PHE A 1664 10.56 -11.26 -6.76
CA PHE A 1664 11.26 -12.53 -6.64
C PHE A 1664 12.43 -12.43 -5.68
N ILE A 1665 13.19 -11.33 -5.76
CA ILE A 1665 14.35 -11.15 -4.89
C ILE A 1665 13.90 -11.06 -3.43
N TYR A 1666 12.88 -10.23 -3.17
CA TYR A 1666 12.41 -10.09 -1.80
C TYR A 1666 11.74 -11.37 -1.32
N SER A 1667 11.13 -12.14 -2.23
CA SER A 1667 10.55 -13.43 -1.85
C SER A 1667 11.61 -14.40 -1.40
N ILE A 1668 12.69 -14.54 -2.18
CA ILE A 1668 13.76 -15.43 -1.75
C ILE A 1668 14.42 -14.92 -0.47
N PHE A 1669 14.44 -13.60 -0.25
CA PHE A 1669 14.89 -13.08 1.04
C PHE A 1669 13.99 -13.56 2.17
N GLY A 1670 12.67 -13.39 2.02
CA GLY A 1670 11.74 -13.76 3.07
C GLY A 1670 11.69 -15.25 3.35
N MET A 1671 11.77 -16.07 2.31
CA MET A 1671 11.71 -17.54 2.46
C MET A 1671 12.78 -18.01 3.44
N SER A 1672 13.88 -17.28 3.62
CA SER A 1672 15.03 -17.78 4.43
C SER A 1672 15.17 -17.01 5.74
N SER A 1673 14.88 -15.72 5.72
CA SER A 1673 15.01 -14.86 6.91
C SER A 1673 13.80 -15.06 7.81
N PHE A 1674 12.67 -15.48 7.25
CA PHE A 1674 11.43 -15.57 8.05
C PHE A 1674 10.55 -16.81 7.89
N PRO A 1675 11.08 -18.04 7.77
CA PRO A 1675 10.20 -19.20 7.73
C PRO A 1675 9.59 -19.58 9.10
N HIS A 1676 10.36 -19.51 10.18
CA HIS A 1676 9.92 -19.95 11.53
C HIS A 1676 9.17 -18.89 12.36
N VAL A 1677 8.86 -17.70 11.82
CA VAL A 1677 8.07 -16.65 12.54
C VAL A 1677 6.65 -17.19 12.76
N ARG A 1678 6.03 -16.96 13.93
CA ARG A 1678 4.73 -17.48 14.33
C ARG A 1678 3.60 -16.70 13.65
N TRP A 1679 2.51 -17.41 13.37
CA TRP A 1679 1.34 -16.82 12.76
C TRP A 1679 0.61 -15.94 13.77
N GLU A 1680 0.67 -14.63 13.59
CA GLU A 1680 0.09 -13.75 14.61
C GLU A 1680 -1.12 -12.95 14.12
N ALA A 1681 -0.94 -12.13 13.08
CA ALA A 1681 -2.02 -11.24 12.64
C ALA A 1681 -2.27 -11.27 11.14
N GLY A 1682 -1.21 -11.30 10.34
CA GLY A 1682 -1.29 -11.38 8.88
C GLY A 1682 -0.63 -12.65 8.40
N ILE A 1683 0.31 -13.18 9.17
CA ILE A 1683 0.93 -14.49 8.86
C ILE A 1683 -0.08 -15.59 9.24
N ASP A 1684 -0.47 -16.45 8.30
CA ASP A 1684 -1.41 -17.59 8.51
C ASP A 1684 -0.71 -18.87 8.07
N ASP A 1685 -1.35 -20.04 8.26
CA ASP A 1685 -0.80 -21.32 7.75
C ASP A 1685 -0.60 -21.19 6.25
N MET A 1686 -1.33 -20.28 5.60
CA MET A 1686 -1.25 -20.07 4.14
C MET A 1686 -0.35 -18.89 3.78
N PHE A 1687 -0.58 -17.68 4.32
CA PHE A 1687 0.14 -16.44 3.99
C PHE A 1687 1.33 -16.29 4.92
N ASN A 1688 2.39 -17.04 4.61
CA ASN A 1688 3.62 -17.01 5.38
C ASN A 1688 4.79 -17.04 4.41
N PHE A 1689 5.98 -17.30 4.95
CA PHE A 1689 7.19 -17.34 4.14
C PHE A 1689 7.89 -18.68 4.28
N GLN A 1690 7.12 -19.78 4.24
CA GLN A 1690 7.70 -21.11 4.29
C GLN A 1690 7.85 -21.76 2.92
N THR A 1691 7.10 -21.30 1.92
CA THR A 1691 7.24 -21.79 0.56
C THR A 1691 7.12 -20.61 -0.40
N PHE A 1692 7.62 -20.81 -1.62
CA PHE A 1692 7.73 -19.72 -2.57
C PHE A 1692 6.37 -19.15 -2.96
N ALA A 1693 5.38 -20.02 -3.14
CA ALA A 1693 4.05 -19.54 -3.51
C ALA A 1693 3.45 -18.67 -2.41
N ASN A 1694 3.62 -19.07 -1.16
CA ASN A 1694 3.14 -18.26 -0.04
C ASN A 1694 3.88 -16.94 0.04
N SER A 1695 5.20 -16.97 -0.16
CA SER A 1695 5.99 -15.74 -0.14
C SER A 1695 5.51 -14.79 -1.23
N MET A 1696 5.24 -15.32 -2.42
CA MET A 1696 4.75 -14.48 -3.51
C MET A 1696 3.35 -13.94 -3.21
N LEU A 1697 2.51 -14.73 -2.54
CA LEU A 1697 1.21 -14.20 -2.11
C LEU A 1697 1.40 -12.99 -1.21
N CYS A 1698 2.26 -13.13 -0.20
CA CYS A 1698 2.50 -12.03 0.73
C CYS A 1698 3.09 -10.81 0.02
N LEU A 1699 4.02 -11.04 -0.90
CA LEU A 1699 4.71 -9.92 -1.54
C LEU A 1699 3.83 -9.23 -2.57
N PHE A 1700 2.99 -9.98 -3.28
CA PHE A 1700 2.00 -9.34 -4.12
C PHE A 1700 1.05 -8.51 -3.28
N GLN A 1701 0.68 -9.03 -2.11
CA GLN A 1701 -0.20 -8.28 -1.21
C GLN A 1701 0.45 -6.95 -0.79
N ILE A 1702 1.72 -6.99 -0.38
CA ILE A 1702 2.36 -5.80 0.16
C ILE A 1702 3.02 -4.93 -0.91
N THR A 1703 3.00 -5.36 -2.17
CA THR A 1703 3.39 -4.46 -3.26
C THR A 1703 2.45 -3.26 -3.33
N THR A 1704 1.19 -3.43 -2.95
CA THR A 1704 0.26 -2.33 -2.76
C THR A 1704 0.29 -1.83 -1.32
N SER A 1705 1.33 -2.20 -0.57
CA SER A 1705 1.53 -1.80 0.82
C SER A 1705 0.40 -2.25 1.73
N ALA A 1706 -0.45 -3.16 1.27
CA ALA A 1706 -1.59 -3.62 2.06
C ALA A 1706 -1.14 -4.73 3.00
N GLY A 1707 -1.41 -4.57 4.29
CA GLY A 1707 -1.13 -5.60 5.26
C GLY A 1707 0.31 -5.78 5.64
N TRP A 1708 1.19 -4.83 5.28
CA TRP A 1708 2.58 -4.98 5.70
C TRP A 1708 2.73 -4.82 7.20
N ASP A 1709 1.85 -4.03 7.83
CA ASP A 1709 1.79 -3.99 9.28
C ASP A 1709 1.45 -5.37 9.85
N GLY A 1710 0.45 -6.02 9.26
CA GLY A 1710 0.04 -7.33 9.73
C GLY A 1710 1.11 -8.39 9.54
N LEU A 1711 1.89 -8.28 8.46
CA LEU A 1711 2.97 -9.24 8.23
C LEU A 1711 4.27 -8.87 8.95
N LEU A 1712 4.37 -7.65 9.46
CA LEU A 1712 5.55 -7.24 10.22
C LEU A 1712 5.39 -7.39 11.71
N SER A 1713 4.16 -7.29 12.23
CA SER A 1713 3.95 -7.38 13.67
C SER A 1713 4.44 -8.71 14.25
N PRO A 1714 4.19 -9.87 13.62
CA PRO A 1714 4.84 -11.09 14.12
C PRO A 1714 6.36 -11.04 14.05
N ILE A 1715 6.93 -10.27 13.12
CA ILE A 1715 8.38 -10.10 13.10
C ILE A 1715 8.83 -9.26 14.28
N LEU A 1716 8.04 -8.26 14.66
CA LEU A 1716 8.41 -7.35 15.74
C LEU A 1716 8.43 -8.05 17.10
N ASN A 1717 7.78 -9.20 17.23
CA ASN A 1717 7.78 -9.93 18.49
C ASN A 1717 9.20 -10.32 18.88
N THR A 1718 9.54 -10.12 20.15
CA THR A 1718 10.87 -10.45 20.65
C THR A 1718 10.84 -11.32 21.89
N GLY A 1719 9.66 -11.67 22.39
CA GLY A 1719 9.54 -12.48 23.58
C GLY A 1719 8.10 -12.73 23.96
N PRO A 1720 7.88 -13.42 25.08
CA PRO A 1720 6.52 -13.69 25.51
C PRO A 1720 5.82 -12.41 25.93
N PRO A 1721 4.49 -12.37 25.87
CA PRO A 1721 3.56 -13.42 25.49
C PRO A 1721 3.29 -13.51 23.99
N TYR A 1722 3.89 -12.61 23.20
CA TYR A 1722 3.55 -12.55 21.79
C TYR A 1722 4.21 -13.66 20.98
N CYS A 1723 5.40 -14.11 21.38
CA CYS A 1723 6.13 -15.17 20.65
C CYS A 1723 6.72 -16.12 21.69
N ASP A 1724 7.80 -16.84 21.38
CA ASP A 1724 8.35 -17.84 22.32
C ASP A 1724 9.82 -18.12 22.02
N PRO A 1725 10.78 -17.47 22.71
CA PRO A 1725 12.17 -17.83 22.53
C PRO A 1725 12.27 -19.25 23.04
N ASN A 1726 13.17 -20.08 22.50
CA ASN A 1726 13.39 -21.47 23.00
C ASN A 1726 12.15 -22.33 22.74
N LEU A 1727 11.55 -22.26 21.54
CA LEU A 1727 10.41 -23.14 21.17
C LEU A 1727 10.99 -24.51 20.76
N PRO A 1728 10.44 -25.66 21.21
CA PRO A 1728 11.04 -26.97 20.88
C PRO A 1728 11.32 -27.17 19.40
N ASN A 1729 10.33 -26.96 18.55
CA ASN A 1729 10.55 -27.01 17.10
C ASN A 1729 10.87 -25.61 16.58
N SER A 1730 11.26 -25.55 15.31
CA SER A 1730 11.67 -24.30 14.66
C SER A 1730 12.80 -23.63 15.45
N ASN A 1731 13.82 -24.42 15.82
CA ASN A 1731 14.93 -23.92 16.62
C ASN A 1731 15.80 -22.92 15.88
N GLY A 1732 15.63 -22.78 14.56
CA GLY A 1732 16.48 -21.92 13.77
C GLY A 1732 16.47 -20.46 14.16
N THR A 1733 15.34 -19.78 13.97
CA THR A 1733 15.27 -18.34 14.21
C THR A 1733 14.95 -18.05 15.67
N ARG A 1734 15.72 -18.62 16.59
CA ARG A 1734 15.52 -18.44 18.03
C ARG A 1734 14.08 -18.78 18.42
N GLY A 1735 13.58 -19.87 17.87
CA GLY A 1735 12.21 -20.30 18.14
C GLY A 1735 11.25 -19.75 17.10
N ASP A 1736 10.32 -18.92 17.45
CA ASP A 1736 9.31 -18.36 16.52
C ASP A 1736 9.22 -16.85 16.68
N CYS A 1737 10.25 -16.20 17.22
CA CYS A 1737 10.31 -14.75 17.32
C CYS A 1737 11.10 -14.18 16.15
N GLY A 1738 10.55 -13.14 15.52
CA GLY A 1738 11.16 -12.54 14.32
C GLY A 1738 12.33 -11.67 14.65
N SER A 1739 13.15 -11.34 13.65
CA SER A 1739 14.31 -10.42 13.83
C SER A 1739 13.77 -9.01 13.64
N PRO A 1740 13.81 -8.11 14.65
CA PRO A 1740 13.19 -6.81 14.48
C PRO A 1740 13.81 -5.99 13.37
N ALA A 1741 15.12 -5.78 13.34
CA ALA A 1741 15.78 -4.90 12.38
C ALA A 1741 15.66 -5.44 10.97
N VAL A 1742 15.82 -6.75 10.79
CA VAL A 1742 15.71 -7.36 9.47
C VAL A 1742 14.33 -7.17 8.90
N GLY A 1743 13.29 -7.41 9.71
CA GLY A 1743 11.94 -7.22 9.23
C GLY A 1743 11.63 -5.78 8.91
N ILE A 1744 12.11 -4.84 9.73
CA ILE A 1744 11.90 -3.43 9.47
C ILE A 1744 12.52 -3.03 8.15
N ILE A 1745 13.80 -3.40 7.95
CA ILE A 1745 14.48 -3.08 6.70
C ILE A 1745 13.73 -3.69 5.53
N PHE A 1746 13.40 -4.98 5.64
CA PHE A 1746 12.69 -5.69 4.58
C PHE A 1746 11.42 -4.94 4.17
N PHE A 1747 10.51 -4.75 5.12
CA PHE A 1747 9.20 -4.22 4.76
C PHE A 1747 9.28 -2.76 4.34
N THR A 1748 10.08 -1.94 5.02
CA THR A 1748 10.19 -0.53 4.66
C THR A 1748 10.83 -0.35 3.29
N THR A 1749 11.99 -0.99 3.05
CA THR A 1749 12.64 -0.88 1.76
C THR A 1749 11.77 -1.43 0.65
N TYR A 1750 11.10 -2.56 0.89
CA TYR A 1750 10.23 -3.11 -0.14
C TYR A 1750 9.06 -2.17 -0.46
N ILE A 1751 8.40 -1.60 0.55
CA ILE A 1751 7.28 -0.74 0.21
C ILE A 1751 7.75 0.52 -0.48
N ILE A 1752 8.90 1.08 -0.09
CA ILE A 1752 9.39 2.27 -0.77
C ILE A 1752 9.78 1.96 -2.21
N ILE A 1753 10.63 0.93 -2.39
CA ILE A 1753 11.18 0.53 -3.72
C ILE A 1753 10.04 0.22 -4.71
N SER A 1754 8.93 -0.36 -4.26
CA SER A 1754 7.79 -0.71 -5.12
C SER A 1754 6.85 0.49 -5.23
N PHE A 1755 7.03 1.48 -4.37
CA PHE A 1755 6.22 2.72 -4.44
C PHE A 1755 6.84 3.47 -5.57
N LEU A 1756 8.15 3.38 -5.67
CA LEU A 1756 8.92 3.98 -6.75
C LEU A 1756 8.59 3.35 -8.09
N ILE A 1757 8.62 2.02 -8.16
CA ILE A 1757 8.36 1.32 -9.42
C ILE A 1757 6.91 1.43 -9.87
N VAL A 1758 5.96 1.52 -8.95
CA VAL A 1758 4.57 1.74 -9.29
C VAL A 1758 4.34 3.16 -9.80
N VAL A 1759 5.03 4.14 -9.23
CA VAL A 1759 5.02 5.49 -9.78
C VAL A 1759 5.62 5.48 -11.19
N ASN A 1760 6.65 4.66 -11.41
CA ASN A 1760 7.21 4.51 -12.75
C ASN A 1760 6.16 4.02 -13.73
N MET A 1761 5.43 2.96 -13.38
CA MET A 1761 4.35 2.48 -14.24
C MET A 1761 3.26 3.52 -14.43
N TYR A 1762 2.90 4.25 -13.38
CA TYR A 1762 1.88 5.28 -13.46
C TYR A 1762 2.27 6.37 -14.44
N ILE A 1763 3.49 6.90 -14.32
CA ILE A 1763 3.92 7.95 -15.24
C ILE A 1763 4.07 7.39 -16.65
N ALA A 1764 4.50 6.14 -16.79
CA ALA A 1764 4.59 5.53 -18.11
C ALA A 1764 3.22 5.46 -18.78
N VAL A 1765 2.21 4.98 -18.05
CA VAL A 1765 0.87 4.88 -18.62
C VAL A 1765 0.31 6.25 -18.95
N ILE A 1766 0.62 7.24 -18.12
CA ILE A 1766 0.04 8.54 -18.34
C ILE A 1766 0.70 9.17 -19.56
N LEU A 1767 2.01 9.06 -19.68
CA LEU A 1767 2.70 9.63 -20.83
C LEU A 1767 2.44 8.86 -22.12
N GLU A 1768 2.07 7.58 -22.04
CA GLU A 1768 1.62 6.84 -23.21
C GLU A 1768 0.17 7.14 -23.56
N ASN A 1769 -0.62 7.63 -22.61
CA ASN A 1769 -1.94 8.16 -22.88
C ASN A 1769 -1.92 9.57 -23.46
N PHE A 1770 -0.93 10.38 -23.08
CA PHE A 1770 -0.80 11.71 -23.68
C PHE A 1770 -0.50 11.62 -25.18
N ASN A 1771 0.33 10.64 -25.55
CA ASN A 1771 0.69 10.42 -26.98
C ASN A 1771 -0.46 9.64 -27.63
N GLU B 1 5.29 32.59 46.13
CA GLU B 1 4.03 31.91 46.39
C GLU B 1 2.91 32.48 45.52
N CYS B 2 2.22 31.60 44.81
CA CYS B 2 1.06 31.94 43.99
C CYS B 2 1.42 32.95 42.90
N ARG B 3 2.43 32.62 42.09
CA ARG B 3 2.86 33.47 40.98
C ARG B 3 2.24 32.95 39.69
N TYR B 4 1.29 33.70 39.14
CA TYR B 4 0.53 33.24 37.98
C TYR B 4 1.31 33.54 36.71
N TRP B 5 1.65 32.48 35.98
CA TRP B 5 2.33 32.54 34.68
C TRP B 5 3.55 33.47 34.71
N LEU B 6 4.31 33.40 35.79
CA LEU B 6 5.55 34.17 35.91
C LEU B 6 6.80 33.29 35.94
N GLY B 7 6.66 31.99 36.14
CA GLY B 7 7.81 31.12 36.27
C GLY B 7 8.64 31.44 37.50
N GLY B 8 7.97 31.60 38.64
CA GLY B 8 8.64 31.97 39.87
C GLY B 8 8.97 30.78 40.76
N CYS B 9 8.22 30.62 41.85
CA CYS B 9 8.41 29.54 42.80
C CYS B 9 9.84 29.54 43.36
N SER B 10 10.59 28.47 43.10
CA SER B 10 11.97 28.32 43.57
C SER B 10 12.06 28.37 45.10
N ALA B 11 10.98 28.03 45.80
CA ALA B 11 10.98 28.05 47.25
C ALA B 11 10.30 26.81 47.81
N GLY B 12 10.08 26.78 49.12
CA GLY B 12 9.45 25.64 49.78
C GLY B 12 7.94 25.61 49.69
N GLN B 13 7.32 26.59 49.05
CA GLN B 13 5.87 26.66 48.92
C GLN B 13 5.46 26.33 47.49
N THR B 14 4.17 26.04 47.32
CA THR B 14 3.58 25.77 46.03
C THR B 14 2.85 27.02 45.53
N CYS B 15 2.10 26.87 44.45
CA CYS B 15 1.32 27.96 43.89
C CYS B 15 -0.14 27.52 43.80
N CYS B 16 -1.06 28.50 43.92
CA CYS B 16 -2.43 28.22 44.33
C CYS B 16 -3.23 27.30 43.39
N LYS B 17 -3.55 27.78 42.19
CA LYS B 17 -4.56 27.12 41.37
C LYS B 17 -3.96 26.73 40.02
N HIS B 18 -4.15 25.46 39.64
CA HIS B 18 -3.61 24.90 38.40
C HIS B 18 -2.11 25.11 38.29
N LEU B 19 -1.42 25.27 39.42
CA LEU B 19 -0.02 25.65 39.44
C LEU B 19 0.75 24.74 40.39
N VAL B 20 1.81 24.14 39.87
CA VAL B 20 2.71 23.32 40.68
C VAL B 20 4.14 23.70 40.32
N CYS B 21 5.05 23.58 41.29
CA CYS B 21 6.45 23.87 41.04
C CYS B 21 7.08 22.74 40.22
N SER B 22 8.26 22.98 39.66
CA SER B 22 8.88 22.07 38.71
C SER B 22 10.08 21.36 39.33
N ARG B 23 10.70 20.47 38.53
CA ARG B 23 11.91 19.71 38.96
C ARG B 23 13.12 20.43 38.34
N ARG B 24 14.36 20.10 38.76
CA ARG B 24 15.55 20.85 38.28
C ARG B 24 15.27 22.31 38.67
N HIS B 25 15.43 23.26 37.76
CA HIS B 25 15.04 24.68 38.03
C HIS B 25 13.69 24.65 38.75
N GLY B 26 13.49 25.45 39.79
CA GLY B 26 12.24 25.54 40.53
C GLY B 26 11.35 26.67 40.07
N TRP B 27 10.38 26.36 39.22
CA TRP B 27 9.38 27.31 38.75
C TRP B 27 8.00 26.67 38.84
N CYS B 28 6.99 27.47 39.17
CA CYS B 28 5.61 27.01 39.19
C CYS B 28 4.87 27.58 37.99
N VAL B 29 4.16 26.71 37.27
CA VAL B 29 3.60 27.03 35.97
C VAL B 29 2.12 26.67 35.95
N TRP B 30 1.43 27.13 34.90
CA TRP B 30 0.04 26.76 34.72
C TRP B 30 -0.07 25.37 34.12
N ASP B 31 0.25 24.35 34.91
CA ASP B 31 0.20 22.97 34.42
C ASP B 31 -1.24 22.46 34.36
N GLY B 32 -2.09 22.88 35.31
CA GLY B 32 -3.43 22.32 35.39
C GLY B 32 -4.27 22.65 34.16
N THR B 33 -4.25 23.91 33.73
CA THR B 33 -5.01 24.32 32.56
C THR B 33 -4.18 25.34 31.78
N PHE B 34 -4.82 25.96 30.78
CA PHE B 34 -4.16 26.97 29.98
C PHE B 34 -3.81 28.17 30.84
N SER B 35 -2.69 28.82 30.51
CA SER B 35 -2.22 29.98 31.26
C SER B 35 -3.18 31.14 31.13
#